data_8EXL
#
_entry.id   8EXL
#
_cell.length_a   58.365
_cell.length_b   134.385
_cell.length_c   141.693
_cell.angle_alpha   90.000
_cell.angle_beta   90.000
_cell.angle_gamma   90.000
#
_symmetry.space_group_name_H-M   'P 21 21 21'
#
loop_
_entity.id
_entity.type
_entity.pdbx_description
1 polymer 'Phosphatidylinositol 4,5-bisphosphate 3-kinase catalytic subunit alpha isoform'
2 non-polymer 2-methyl-2-(4-{2-[3-methyl-1-(propan-2-yl)-1H-1,2,4-triazol-5-yl]-5,6-dihydroimidazo[1,2-d][1,4]benzoxazepin-9-yl}-1H-pyrazol-1-yl)propanamide
3 water water
#
_entity_poly.entity_id   1
_entity_poly.type   'polypeptide(L)'
_entity_poly.pdbx_seq_one_letter_code
;MSYYHHHHHHDYDIPTTENLYFQGAMGSGELWGIHLMPPRILVECLLPNGMIVTLECLREATLITIKHELFKEARKYPLH
QLLQDESSYIFVSVTQEAEREEFFDETRRLCDLRLFQPFLKVIEPVENLYFQGGNREEKILNREIGFAIGMPVCEFDMVK
DPEVQDFRRNILNVCKEAVDLRDLNSPHSRAMYVYPPNVESSPELPKHIYNKLDKGQIIVVIWVIVSPNNDKQKYTLKIN
HDCVPEQVIAEAIRKKTRSMLLSSEQLKLCVLEYQGKYILKVCGCDEYFLEKYPLSQYKYIRSCIMLGRMPNLMLMAKES
LYSQLPMDCFTMPSYSRRISTATPYMNGETSTKSLWVINSALRIKILCATYVNVNIRDIDKIYVRTGIYHGGEPLCDNVN
TQRVPCSNPRWNEWLNYDIYIPDLPRAARLCLSICSVKGRKGAKEEHCPLAWGNINLFDYTDTLVSGKMALNLWPVPHGL
EDLLNPIGVTGSNPNKETPCLELEFDWFSSVVKFPDMSVIEEHANWSVSREAGFSYSHAGLSNRLARDNELRENDKEQLK
AISTRDPLSEITEQEKDFLWSHRHYCVTIPEILPKLLLSVKWNSRDEVAQMYCLVKDWPPIKPEQAMELLDCNYPDPMVR
GFAVRCLEKYLTDDKLSQYLIQLVQVLKYEQYLDNLLVRFLLKKALTNQRIGHFFFWHLKSEMHNKTVSQRFGLLLESYC
RACGMYLKHLNRQVEAMEKLINLTDILKQEKKDETQKVQMKFLVEQMRRPDFMDALQGFLSPLNPAHQLGNLRLEECRIM
SSAKRPLWLNWENPDIMSELLFQNNEIIFKNGDDLRQDMLTLQIIRIMENIWQNQGLDLRMLPYGCLSIGDCVGLIEVVR
NSHTIMQIQCKGGLKGALQFNSHTLHQWLKDKNKGEIYDAAIDLFTRSCAGYCVATFILGIGDRHNSNIMVKDDGQLFHI
DFGHFLDHKKKKFGYKRERVPFVLTQDFLIVISKGAQECTKTREFERFQEMCYKAYLAIRQHANLFINLFSMMLGSGMPE
LQSFDDIAYIRKTLALDKTEQEALEYFMKQMNDAHHGGWT
;
_entity_poly.pdbx_strand_id   A
#
# COMPACT_ATOMS: atom_id res chain seq x y z
N ASN A 135 35.12 4.12 12.59
CA ASN A 135 35.85 4.08 13.87
C ASN A 135 35.03 3.31 14.90
N ARG A 136 35.03 3.79 16.15
CA ARG A 136 34.29 3.12 17.20
C ARG A 136 32.80 3.46 17.15
N GLU A 137 32.46 4.71 16.84
CA GLU A 137 31.05 5.10 16.80
C GLU A 137 30.33 4.48 15.60
N GLU A 138 31.03 4.30 14.47
CA GLU A 138 30.39 3.64 13.34
C GLU A 138 30.06 2.19 13.69
N LYS A 139 30.93 1.53 14.44
CA LYS A 139 30.70 0.14 14.81
C LYS A 139 29.50 0.01 15.75
N ILE A 140 29.31 0.98 16.64
CA ILE A 140 28.13 0.97 17.51
C ILE A 140 26.88 1.22 16.67
N LEU A 141 26.95 2.16 15.74
CA LEU A 141 25.79 2.42 14.90
C LEU A 141 25.43 1.18 14.08
N ASN A 142 26.43 0.48 13.55
CA ASN A 142 26.16 -0.70 12.74
C ASN A 142 25.46 -1.78 13.56
N ARG A 143 25.79 -1.90 14.85
CA ARG A 143 25.07 -2.84 15.70
C ARG A 143 23.62 -2.43 15.89
N GLU A 144 23.35 -1.12 16.05
CA GLU A 144 21.99 -0.64 16.14
C GLU A 144 21.23 -0.89 14.83
N ILE A 145 21.84 -0.57 13.69
CA ILE A 145 21.15 -0.79 12.42
C ILE A 145 20.89 -2.27 12.24
N GLY A 146 21.87 -3.11 12.61
CA GLY A 146 21.70 -4.53 12.47
C GLY A 146 20.55 -5.04 13.31
N PHE A 147 20.40 -4.49 14.52
CA PHE A 147 19.30 -4.89 15.38
C PHE A 147 17.96 -4.44 14.82
N ALA A 148 17.92 -3.22 14.28
CA ALA A 148 16.67 -2.70 13.73
C ALA A 148 16.19 -3.54 12.55
N ILE A 149 17.11 -3.94 11.67
CA ILE A 149 16.66 -4.58 10.43
C ILE A 149 16.65 -6.09 10.53
N GLY A 150 17.19 -6.66 11.59
CA GLY A 150 17.15 -8.08 11.81
C GLY A 150 18.28 -8.87 11.19
N MET A 151 19.33 -8.21 10.70
CA MET A 151 20.46 -8.91 10.10
C MET A 151 21.69 -8.03 10.22
N PRO A 152 22.88 -8.62 10.40
CA PRO A 152 24.06 -7.77 10.61
C PRO A 152 24.49 -7.06 9.33
N VAL A 153 24.89 -5.80 9.49
CA VAL A 153 25.31 -4.96 8.37
C VAL A 153 26.49 -5.59 7.63
N CYS A 154 27.33 -6.38 8.32
CA CYS A 154 28.47 -6.97 7.65
C CYS A 154 28.05 -7.93 6.53
N GLU A 155 26.82 -8.46 6.58
CA GLU A 155 26.37 -9.31 5.48
C GLU A 155 26.20 -8.52 4.18
N PHE A 156 25.86 -7.23 4.26
CA PHE A 156 25.85 -6.41 3.04
C PHE A 156 27.27 -6.18 2.53
N ASP A 157 28.23 -5.96 3.46
CA ASP A 157 29.60 -5.70 3.06
C ASP A 157 30.22 -6.85 2.27
N MET A 158 29.79 -8.08 2.54
CA MET A 158 30.34 -9.23 1.84
C MET A 158 29.72 -9.47 0.47
N VAL A 159 28.64 -8.75 0.12
CA VAL A 159 28.00 -9.02 -1.17
C VAL A 159 28.90 -8.53 -2.30
N LYS A 160 29.18 -9.42 -3.25
CA LYS A 160 30.10 -9.10 -4.34
C LYS A 160 29.44 -8.27 -5.45
N ASP A 161 28.15 -8.46 -5.68
CA ASP A 161 27.41 -7.80 -6.75
C ASP A 161 27.71 -6.30 -6.78
N PRO A 162 28.27 -5.78 -7.88
CA PRO A 162 28.47 -4.33 -7.98
C PRO A 162 27.19 -3.51 -7.88
N GLU A 163 26.04 -4.02 -8.34
CA GLU A 163 24.81 -3.25 -8.19
C GLU A 163 24.52 -2.97 -6.71
N VAL A 164 24.79 -3.95 -5.84
CA VAL A 164 24.49 -3.80 -4.42
C VAL A 164 25.41 -2.75 -3.79
N GLN A 165 26.70 -2.78 -4.13
CA GLN A 165 27.62 -1.86 -3.48
C GLN A 165 27.44 -0.46 -4.03
N ASP A 166 27.09 -0.34 -5.30
CA ASP A 166 26.75 0.96 -5.87
C ASP A 166 25.47 1.53 -5.26
N PHE A 167 24.46 0.69 -5.01
CA PHE A 167 23.27 1.20 -4.34
C PHE A 167 23.63 1.79 -2.98
N ARG A 168 24.34 1.00 -2.17
CA ARG A 168 24.66 1.45 -0.81
C ARG A 168 25.37 2.79 -0.83
N ARG A 169 26.32 2.95 -1.75
CA ARG A 169 27.05 4.21 -1.86
C ARG A 169 26.19 5.30 -2.49
N ASN A 170 25.57 5.02 -3.63
CA ASN A 170 24.93 6.10 -4.39
C ASN A 170 23.67 6.63 -3.70
N ILE A 171 22.98 5.79 -2.92
CA ILE A 171 21.75 6.25 -2.28
C ILE A 171 22.01 7.31 -1.20
N LEU A 172 23.27 7.49 -0.79
CA LEU A 172 23.55 8.35 0.35
C LEU A 172 23.31 9.83 0.05
N ASN A 173 23.26 10.22 -1.23
CA ASN A 173 22.92 11.61 -1.49
C ASN A 173 21.45 11.91 -1.17
N VAL A 174 20.56 10.92 -1.22
CA VAL A 174 19.22 11.12 -0.69
C VAL A 174 19.27 11.33 0.82
N CYS A 175 20.06 10.52 1.52
CA CYS A 175 20.24 10.71 2.97
C CYS A 175 20.70 12.13 3.29
N LYS A 176 21.70 12.61 2.56
CA LYS A 176 22.25 13.95 2.77
C LYS A 176 21.23 15.04 2.45
N GLU A 177 20.52 14.89 1.32
CA GLU A 177 19.51 15.89 0.96
C GLU A 177 18.45 16.01 2.03
N ALA A 178 18.04 14.87 2.60
CA ALA A 178 16.98 14.87 3.60
C ALA A 178 17.45 15.51 4.90
N VAL A 179 18.63 15.11 5.38
CA VAL A 179 19.18 15.72 6.60
C VAL A 179 19.30 17.24 6.45
N ASP A 180 19.60 17.72 5.24
CA ASP A 180 19.79 19.15 5.05
C ASP A 180 18.45 19.89 5.03
N LEU A 181 17.40 19.25 4.53
CA LEU A 181 16.08 19.83 4.69
C LEU A 181 15.69 19.94 6.15
N ARG A 182 16.15 19.01 6.99
CA ARG A 182 15.77 19.00 8.39
C ARG A 182 16.52 20.05 9.22
N ASP A 183 17.76 20.36 8.88
CA ASP A 183 18.49 21.41 9.59
C ASP A 183 18.42 22.74 8.85
N LEU A 184 17.47 22.87 7.91
CA LEU A 184 17.38 24.08 7.11
C LEU A 184 16.85 25.26 7.93
N ASN A 185 16.06 24.98 8.95
CA ASN A 185 15.46 26.04 9.77
C ASN A 185 15.33 25.56 11.22
N SER A 186 16.44 25.10 11.79
CA SER A 186 16.43 24.50 13.10
C SER A 186 16.10 25.56 14.16
N PRO A 187 15.42 25.19 15.25
CA PRO A 187 14.92 23.84 15.54
C PRO A 187 13.55 23.54 14.93
N HIS A 188 12.87 24.56 14.38
CA HIS A 188 11.54 24.34 13.82
C HIS A 188 11.54 23.24 12.78
N SER A 189 12.46 23.30 11.82
CA SER A 189 12.50 22.27 10.77
C SER A 189 12.72 20.88 11.37
N ARG A 190 13.43 20.79 12.49
CA ARG A 190 13.61 19.49 13.12
C ARG A 190 12.34 19.04 13.82
N ALA A 191 11.62 19.96 14.47
CA ALA A 191 10.35 19.61 15.09
C ALA A 191 9.31 19.20 14.05
N MET A 192 9.29 19.88 12.90
CA MET A 192 8.35 19.53 11.84
C MET A 192 8.62 18.12 11.30
N TYR A 193 9.87 17.68 11.33
CA TYR A 193 10.22 16.33 10.90
C TYR A 193 9.70 15.28 11.90
N VAL A 194 9.93 15.52 13.19
CA VAL A 194 9.56 14.53 14.20
C VAL A 194 8.06 14.53 14.44
N TYR A 195 7.43 15.70 14.37
CA TYR A 195 6.00 15.87 14.67
C TYR A 195 5.35 16.62 13.53
N PRO A 196 5.21 15.98 12.36
CA PRO A 196 4.63 16.69 11.23
C PRO A 196 3.16 16.96 11.47
N PRO A 197 2.63 18.03 10.90
CA PRO A 197 1.19 18.31 11.07
C PRO A 197 0.36 17.18 10.49
N ASN A 198 -0.58 16.71 11.29
CA ASN A 198 -1.49 15.65 10.87
C ASN A 198 -2.74 16.30 10.30
N VAL A 199 -2.77 16.53 8.97
CA VAL A 199 -3.77 17.41 8.37
C VAL A 199 -4.45 16.73 7.18
N GLU A 200 -5.72 17.10 6.97
CA GLU A 200 -6.41 16.70 5.75
C GLU A 200 -5.77 17.37 4.54
N SER A 201 -6.02 16.79 3.35
CA SER A 201 -5.36 17.33 2.18
C SER A 201 -5.92 18.69 1.74
N SER A 202 -7.12 19.08 2.16
CA SER A 202 -7.58 20.42 1.79
C SER A 202 -8.42 21.04 2.89
N PRO A 203 -8.35 22.37 3.05
CA PRO A 203 -9.10 23.05 4.13
C PRO A 203 -10.61 23.12 3.91
N GLU A 204 -11.13 22.82 2.72
CA GLU A 204 -12.56 23.00 2.51
C GLU A 204 -13.36 21.92 3.22
N LEU A 205 -14.46 22.31 3.86
CA LEU A 205 -15.24 21.37 4.67
C LEU A 205 -16.52 20.96 3.95
N PRO A 206 -16.82 19.66 3.87
CA PRO A 206 -18.13 19.23 3.37
C PRO A 206 -19.27 19.97 4.07
N LYS A 207 -20.31 20.28 3.29
CA LYS A 207 -21.41 21.09 3.81
C LYS A 207 -22.02 20.45 5.06
N HIS A 208 -22.14 19.13 5.10
CA HIS A 208 -22.73 18.51 6.28
C HIS A 208 -21.79 18.58 7.48
N ILE A 209 -20.48 18.60 7.24
CA ILE A 209 -19.55 18.82 8.34
C ILE A 209 -19.63 20.26 8.82
N TYR A 210 -19.53 21.21 7.88
CA TYR A 210 -19.59 22.63 8.24
C TYR A 210 -20.85 22.95 9.04
N ASN A 211 -21.98 22.35 8.65
CA ASN A 211 -23.23 22.63 9.35
C ASN A 211 -23.29 22.01 10.74
N LYS A 212 -22.23 21.32 11.18
CA LYS A 212 -22.14 20.90 12.58
C LYS A 212 -21.61 22.02 13.47
N LEU A 213 -21.03 23.06 12.88
CA LEU A 213 -20.52 24.21 13.60
C LEU A 213 -21.64 25.18 13.95
N ASP A 214 -21.35 26.06 14.90
CA ASP A 214 -22.25 27.15 15.29
C ASP A 214 -21.83 28.39 14.52
N LYS A 215 -22.55 28.67 13.42
CA LYS A 215 -22.23 29.78 12.54
C LYS A 215 -20.75 29.76 12.14
N GLY A 216 -20.29 28.57 11.76
CA GLY A 216 -18.90 28.41 11.37
C GLY A 216 -17.90 28.44 12.51
N GLN A 217 -18.36 28.37 13.75
CA GLN A 217 -17.49 28.48 14.92
C GLN A 217 -17.45 27.16 15.69
N ILE A 218 -16.33 26.93 16.39
CA ILE A 218 -16.08 25.69 17.10
C ILE A 218 -15.76 26.00 18.57
N ILE A 219 -16.23 25.14 19.47
CA ILE A 219 -15.86 25.20 20.89
C ILE A 219 -14.64 24.33 21.10
N VAL A 220 -13.57 24.92 21.66
CA VAL A 220 -12.36 24.18 21.97
C VAL A 220 -11.93 24.53 23.41
N VAL A 221 -11.27 23.57 24.05
CA VAL A 221 -10.77 23.74 25.41
C VAL A 221 -9.25 23.76 25.35
N ILE A 222 -8.65 24.85 25.83
CA ILE A 222 -7.20 25.01 25.89
C ILE A 222 -6.75 24.85 27.33
N TRP A 223 -5.81 23.95 27.57
CA TRP A 223 -5.26 23.71 28.90
C TRP A 223 -3.89 24.35 29.05
N VAL A 224 -3.66 24.94 30.22
CA VAL A 224 -2.36 25.50 30.60
C VAL A 224 -1.91 24.82 31.89
N ILE A 225 -0.67 24.35 31.90
CA ILE A 225 -0.08 23.79 33.11
C ILE A 225 0.66 24.91 33.83
N VAL A 226 0.35 25.08 35.12
CA VAL A 226 0.69 26.35 35.78
C VAL A 226 1.64 26.19 36.95
N SER A 227 1.21 25.47 37.99
CA SER A 227 1.82 25.58 39.31
C SER A 227 2.42 24.27 39.81
N ASP A 231 -0.63 21.80 38.13
CA ASP A 231 -2.06 22.05 38.18
C ASP A 231 -2.56 22.42 36.78
N LYS A 232 -3.75 21.96 36.43
CA LYS A 232 -4.28 22.10 35.09
C LYS A 232 -5.39 23.16 35.08
N GLN A 233 -5.17 24.25 34.35
CA GLN A 233 -6.18 25.28 34.17
C GLN A 233 -6.81 25.17 32.79
N LYS A 234 -8.14 25.17 32.76
CA LYS A 234 -8.94 24.98 31.56
C LYS A 234 -9.48 26.33 31.08
N TYR A 235 -9.44 26.56 29.76
CA TYR A 235 -10.01 27.77 29.19
C TYR A 235 -10.81 27.39 27.95
N THR A 236 -12.11 27.67 27.97
CA THR A 236 -13.00 27.30 26.88
C THR A 236 -13.15 28.47 25.91
N LEU A 237 -12.92 28.20 24.63
CA LEU A 237 -12.97 29.23 23.61
C LEU A 237 -14.00 28.87 22.55
N LYS A 238 -14.59 29.90 21.95
CA LYS A 238 -15.46 29.75 20.78
C LYS A 238 -14.89 30.63 19.68
N ILE A 239 -14.42 30.00 18.61
CA ILE A 239 -13.65 30.68 17.58
C ILE A 239 -14.06 30.12 16.22
N ASN A 240 -13.73 30.89 15.18
CA ASN A 240 -13.99 30.45 13.82
C ASN A 240 -13.18 29.18 13.52
N HIS A 241 -13.85 28.20 12.91
CA HIS A 241 -13.28 26.88 12.67
C HIS A 241 -11.94 26.95 11.95
N ASP A 242 -11.60 28.10 11.36
CA ASP A 242 -10.43 28.19 10.50
C ASP A 242 -9.42 29.24 10.99
N CYS A 243 -9.45 29.61 12.27
CA CYS A 243 -8.30 30.32 12.83
C CYS A 243 -7.08 29.40 12.85
N VAL A 244 -5.91 30.02 12.71
CA VAL A 244 -4.65 29.28 12.70
C VAL A 244 -4.19 29.14 14.14
N PRO A 245 -3.25 28.25 14.46
CA PRO A 245 -2.89 28.03 15.87
C PRO A 245 -2.45 29.28 16.61
N GLU A 246 -1.65 30.15 15.98
CA GLU A 246 -1.19 31.36 16.66
C GLU A 246 -2.37 32.23 17.11
N GLN A 247 -3.48 32.18 16.38
CA GLN A 247 -4.67 32.93 16.80
C GLN A 247 -5.31 32.29 18.03
N VAL A 248 -5.51 30.97 17.98
CA VAL A 248 -6.07 30.25 19.12
C VAL A 248 -5.26 30.52 20.39
N ILE A 249 -3.92 30.52 20.27
CA ILE A 249 -3.08 30.78 21.43
C ILE A 249 -3.30 32.19 21.96
N ALA A 250 -3.50 33.15 21.05
CA ALA A 250 -3.77 34.51 21.46
C ALA A 250 -5.07 34.59 22.26
N GLU A 251 -6.13 33.96 21.78
CA GLU A 251 -7.40 34.01 22.49
C GLU A 251 -7.33 33.29 23.82
N ALA A 252 -6.59 32.17 23.89
CA ALA A 252 -6.41 31.49 25.16
C ALA A 252 -5.70 32.36 26.18
N ILE A 253 -4.69 33.11 25.75
CA ILE A 253 -4.00 34.03 26.66
C ILE A 253 -4.92 35.20 27.03
N ARG A 254 -5.75 35.65 26.08
CA ARG A 254 -6.71 36.70 26.39
C ARG A 254 -7.64 36.26 27.53
N LYS A 255 -8.29 35.11 27.37
CA LYS A 255 -9.17 34.62 28.43
C LYS A 255 -8.41 34.44 29.75
N LYS A 256 -7.18 33.94 29.68
CA LYS A 256 -6.42 33.69 30.90
C LYS A 256 -6.08 34.99 31.62
N THR A 257 -5.74 36.05 30.90
CA THR A 257 -5.46 37.32 31.57
C THR A 257 -6.73 38.06 31.95
N ARG A 258 -7.87 37.77 31.30
CA ARG A 258 -9.15 38.27 31.79
C ARG A 258 -9.49 37.68 33.15
N SER A 259 -8.83 36.59 33.55
CA SER A 259 -8.92 36.00 34.87
C SER A 259 -8.27 36.83 35.96
N MET A 260 -7.64 37.96 35.65
CA MET A 260 -7.05 38.83 36.68
C MET A 260 -8.00 39.95 37.08
N GLY A 276 4.04 33.81 20.11
CA GLY A 276 4.97 33.06 19.29
C GLY A 276 5.96 32.29 20.15
N LYS A 277 5.71 32.27 21.45
CA LYS A 277 6.51 31.50 22.40
C LYS A 277 5.87 30.16 22.76
N TYR A 278 4.70 29.85 22.20
CA TYR A 278 3.95 28.66 22.55
C TYR A 278 3.52 27.90 21.30
N ILE A 279 3.19 26.63 21.50
CA ILE A 279 2.61 25.75 20.50
C ILE A 279 1.46 25.01 21.15
N LEU A 280 0.57 24.48 20.32
CA LEU A 280 -0.54 23.64 20.76
C LEU A 280 -0.23 22.18 20.54
N LYS A 281 -0.55 21.36 21.54
CA LYS A 281 -0.41 19.91 21.52
C LYS A 281 -1.78 19.29 21.79
N VAL A 282 -2.07 18.18 21.12
CA VAL A 282 -3.30 17.44 21.44
C VAL A 282 -3.15 16.81 22.82
N CYS A 283 -4.14 17.04 23.69
CA CYS A 283 -4.11 16.45 25.01
C CYS A 283 -4.12 14.92 24.90
N GLY A 284 -3.15 14.27 25.52
CA GLY A 284 -3.19 12.82 25.63
C GLY A 284 -2.35 12.06 24.63
N CYS A 285 -1.79 12.70 23.61
CA CYS A 285 -0.85 12.00 22.74
C CYS A 285 0.15 12.99 22.16
N ASP A 286 1.21 12.45 21.56
CA ASP A 286 2.33 13.24 21.02
C ASP A 286 1.97 13.74 19.63
N GLU A 287 0.99 14.63 19.58
CA GLU A 287 0.60 15.27 18.33
C GLU A 287 0.60 16.77 18.52
N TYR A 288 1.26 17.50 17.62
CA TYR A 288 1.41 18.94 17.77
C TYR A 288 0.88 19.68 16.55
N PHE A 289 0.57 20.97 16.75
CA PHE A 289 0.08 21.85 15.68
C PHE A 289 1.17 22.85 15.34
N LEU A 290 2.24 22.38 14.70
CA LEU A 290 3.40 23.24 14.52
C LEU A 290 3.27 24.21 13.35
N GLU A 291 2.30 24.02 12.46
CA GLU A 291 2.22 24.76 11.21
C GLU A 291 0.90 25.52 11.16
N LYS A 292 0.88 26.60 10.37
CA LYS A 292 -0.23 27.54 10.39
C LYS A 292 -1.33 27.14 9.41
N TYR A 293 -1.86 25.93 9.61
CA TYR A 293 -3.06 25.49 8.91
C TYR A 293 -4.31 26.04 9.59
N PRO A 294 -5.44 26.04 8.90
CA PRO A 294 -6.71 26.29 9.60
C PRO A 294 -6.96 25.17 10.60
N LEU A 295 -7.45 25.54 11.77
CA LEU A 295 -7.58 24.57 12.86
C LEU A 295 -8.36 23.34 12.41
N SER A 296 -9.48 23.55 11.71
CA SER A 296 -10.32 22.45 11.27
C SER A 296 -9.66 21.59 10.18
N GLN A 297 -8.53 22.02 9.62
CA GLN A 297 -7.81 21.13 8.70
C GLN A 297 -6.96 20.11 9.42
N TYR A 298 -6.70 20.30 10.72
CA TYR A 298 -6.05 19.24 11.46
C TYR A 298 -7.03 18.09 11.66
N LYS A 299 -6.56 16.84 11.44
CA LYS A 299 -7.47 15.71 11.45
C LYS A 299 -8.11 15.51 12.81
N TYR A 300 -7.35 15.72 13.89
CA TYR A 300 -7.93 15.68 15.22
C TYR A 300 -9.12 16.64 15.33
N ILE A 301 -8.97 17.87 14.84
CA ILE A 301 -10.06 18.83 14.95
C ILE A 301 -11.21 18.41 14.04
N ARG A 302 -10.88 18.05 12.80
CA ARG A 302 -11.89 17.57 11.85
C ARG A 302 -12.64 16.38 12.42
N SER A 303 -11.93 15.48 13.08
CA SER A 303 -12.58 14.31 13.66
C SER A 303 -13.53 14.71 14.79
N CYS A 304 -13.08 15.61 15.67
CA CYS A 304 -13.92 16.09 16.78
C CYS A 304 -15.21 16.71 16.25
N ILE A 305 -15.11 17.53 15.20
CA ILE A 305 -16.30 18.16 14.62
C ILE A 305 -17.30 17.10 14.17
N MET A 306 -16.82 16.13 13.38
CA MET A 306 -17.70 15.09 12.85
C MET A 306 -18.33 14.27 13.98
N LEU A 307 -17.50 13.81 14.92
CA LEU A 307 -17.96 12.95 16.00
C LEU A 307 -18.66 13.70 17.11
N GLY A 308 -18.76 15.01 17.02
CA GLY A 308 -19.34 15.76 18.11
C GLY A 308 -18.61 15.54 19.42
N ARG A 309 -17.29 15.59 19.39
CA ARG A 309 -16.47 15.56 20.61
C ARG A 309 -15.81 16.91 20.83
N MET A 310 -15.42 17.16 22.08
CA MET A 310 -14.82 18.45 22.44
C MET A 310 -13.31 18.39 22.25
N PRO A 311 -12.72 19.22 21.38
CA PRO A 311 -11.26 19.24 21.27
C PRO A 311 -10.62 19.77 22.55
N ASN A 312 -9.57 19.07 22.99
CA ASN A 312 -8.81 19.44 24.17
C ASN A 312 -7.35 19.59 23.76
N LEU A 313 -6.85 20.81 23.79
CA LEU A 313 -5.49 21.11 23.40
C LEU A 313 -4.74 21.64 24.61
N MET A 314 -3.43 21.40 24.63
CA MET A 314 -2.59 21.84 25.72
C MET A 314 -1.64 22.90 25.20
N LEU A 315 -1.54 24.00 25.92
CA LEU A 315 -0.57 25.02 25.62
C LEU A 315 0.78 24.53 26.13
N MET A 316 1.80 24.63 25.29
CA MET A 316 3.13 24.16 25.63
C MET A 316 4.15 25.16 25.14
N ALA A 317 5.15 25.45 25.97
CA ALA A 317 6.21 26.36 25.57
C ALA A 317 7.06 25.72 24.47
N LYS A 318 7.25 26.45 23.37
CA LYS A 318 8.09 26.00 22.27
C LYS A 318 9.39 25.38 22.78
N GLU A 319 10.06 26.08 23.70
CA GLU A 319 11.39 25.65 24.14
C GLU A 319 11.35 24.35 24.92
N SER A 320 10.23 24.02 25.55
CA SER A 320 10.11 22.73 26.22
C SER A 320 9.87 21.59 25.24
N LEU A 321 9.40 21.89 24.02
CA LEU A 321 9.40 20.88 22.99
C LEU A 321 10.77 20.77 22.33
N TYR A 322 11.30 21.90 21.85
CA TYR A 322 12.61 21.91 21.19
C TYR A 322 13.67 21.26 22.07
N SER A 323 13.64 21.54 23.37
CA SER A 323 14.59 20.97 24.31
C SER A 323 14.72 19.46 24.21
N GLN A 324 13.63 18.77 23.89
CA GLN A 324 13.63 17.32 23.89
C GLN A 324 13.94 16.71 22.52
N LEU A 325 14.28 17.52 21.52
CA LEU A 325 14.56 17.00 20.19
C LEU A 325 16.06 16.93 20.03
N PRO A 326 16.68 15.76 20.16
CA PRO A 326 18.14 15.69 20.03
C PRO A 326 18.60 16.08 18.64
N MET A 327 19.66 16.86 18.60
CA MET A 327 20.41 17.12 17.38
C MET A 327 21.15 15.85 16.99
N ASP A 328 20.93 15.36 15.78
CA ASP A 328 21.62 14.18 15.29
C ASP A 328 22.64 14.58 14.23
N CYS A 329 23.87 14.11 14.39
CA CYS A 329 24.96 14.36 13.46
C CYS A 329 25.04 13.17 12.51
N PHE A 330 24.56 13.36 11.28
CA PHE A 330 24.62 12.32 10.27
C PHE A 330 26.04 12.19 9.72
N THR A 331 26.62 11.00 9.83
CA THR A 331 27.97 10.74 9.38
C THR A 331 27.93 9.80 8.18
N MET A 332 28.61 10.18 7.12
CA MET A 332 28.73 9.30 5.96
C MET A 332 29.45 8.01 6.39
N PRO A 333 28.92 6.85 6.03
CA PRO A 333 29.54 5.59 6.47
C PRO A 333 30.78 5.28 5.66
N SER A 334 31.55 4.30 6.15
CA SER A 334 32.88 4.02 5.59
C SER A 334 32.82 3.57 4.13
N TYR A 335 31.70 2.94 3.71
CA TYR A 335 31.63 2.49 2.32
C TYR A 335 31.32 3.62 1.35
N SER A 336 31.05 4.82 1.85
CA SER A 336 30.87 5.95 0.95
C SER A 336 32.18 6.28 0.22
N ARG A 337 33.32 5.95 0.82
CA ARG A 337 34.62 6.15 0.19
C ARG A 337 34.89 4.98 -0.75
N ARG A 338 34.67 5.20 -2.04
CA ARG A 338 34.79 4.13 -3.04
C ARG A 338 36.18 3.49 -3.05
N THR A 350 38.29 -5.01 -27.91
CA THR A 350 36.96 -4.71 -27.37
C THR A 350 36.65 -3.21 -27.51
N SER A 351 35.39 -2.89 -27.80
CA SER A 351 34.95 -1.51 -27.96
C SER A 351 33.79 -1.27 -26.99
N THR A 352 32.96 -0.27 -27.29
CA THR A 352 31.66 -0.08 -26.63
C THR A 352 30.69 0.42 -27.69
N LYS A 353 29.75 -0.42 -28.10
CA LYS A 353 28.88 -0.11 -29.21
C LYS A 353 27.44 0.05 -28.76
N SER A 354 26.72 0.93 -29.45
CA SER A 354 25.31 1.12 -29.18
C SER A 354 24.54 -0.13 -29.60
N LEU A 355 23.52 -0.46 -28.80
CA LEU A 355 22.58 -1.51 -29.17
C LEU A 355 22.09 -1.36 -30.59
N TRP A 356 21.83 -0.13 -31.03
CA TRP A 356 21.15 0.06 -32.31
C TRP A 356 22.05 -0.23 -33.50
N VAL A 357 23.33 -0.52 -33.27
CA VAL A 357 24.23 -0.86 -34.37
C VAL A 357 24.42 -2.36 -34.48
N ILE A 358 24.00 -3.13 -33.47
CA ILE A 358 24.17 -4.58 -33.52
C ILE A 358 23.15 -5.18 -34.47
N ASN A 359 23.59 -5.53 -35.68
CA ASN A 359 22.72 -6.07 -36.73
C ASN A 359 22.62 -7.59 -36.58
N SER A 360 21.74 -8.03 -35.69
CA SER A 360 21.65 -9.46 -35.45
C SER A 360 20.34 -9.78 -34.73
N ALA A 361 19.85 -11.00 -34.92
CA ALA A 361 18.70 -11.46 -34.16
C ALA A 361 19.14 -11.92 -32.77
N LEU A 362 18.16 -12.00 -31.87
CA LEU A 362 18.44 -12.40 -30.49
C LEU A 362 18.58 -13.91 -30.38
N ARG A 363 19.64 -14.36 -29.72
CA ARG A 363 19.87 -15.77 -29.49
C ARG A 363 20.49 -15.96 -28.12
N ILE A 364 20.09 -17.04 -27.43
CA ILE A 364 20.57 -17.32 -26.08
C ILE A 364 20.79 -18.83 -25.98
N LYS A 365 21.88 -19.23 -25.33
CA LYS A 365 22.24 -20.64 -25.21
C LYS A 365 21.86 -21.19 -23.85
N ILE A 366 21.07 -22.26 -23.83
CA ILE A 366 20.80 -23.02 -22.61
C ILE A 366 21.83 -24.14 -22.53
N LEU A 367 22.68 -24.10 -21.51
CA LEU A 367 23.70 -25.12 -21.36
C LEU A 367 23.20 -26.30 -20.54
N CYS A 368 23.17 -26.16 -19.22
CA CYS A 368 22.85 -27.28 -18.37
C CYS A 368 22.12 -26.78 -17.13
N ALA A 369 21.47 -27.70 -16.43
CA ALA A 369 20.92 -27.44 -15.11
C ALA A 369 21.62 -28.30 -14.08
N THR A 370 21.88 -27.71 -12.91
CA THR A 370 22.41 -28.44 -11.77
C THR A 370 21.37 -28.39 -10.65
N TYR A 371 21.57 -29.24 -9.64
CA TYR A 371 20.65 -29.35 -8.50
C TYR A 371 19.23 -29.67 -8.96
N VAL A 372 19.12 -30.48 -10.00
CA VAL A 372 17.81 -30.94 -10.45
C VAL A 372 17.56 -32.29 -9.82
N ASN A 373 17.07 -32.29 -8.59
CA ASN A 373 16.75 -33.51 -7.86
C ASN A 373 15.24 -33.68 -7.83
N VAL A 374 14.75 -34.76 -8.40
CA VAL A 374 13.32 -34.96 -8.60
C VAL A 374 12.98 -36.42 -8.37
N ASN A 375 11.68 -36.70 -8.28
CA ASN A 375 11.16 -38.05 -8.15
C ASN A 375 11.06 -38.66 -9.54
N ILE A 376 11.93 -39.63 -9.84
CA ILE A 376 11.99 -40.20 -11.17
C ILE A 376 10.99 -41.34 -11.30
N ILE A 379 8.34 -37.81 -12.49
CA ILE A 379 8.98 -36.87 -13.41
C ILE A 379 9.96 -37.61 -14.32
N ASP A 380 9.90 -37.35 -15.63
CA ASP A 380 10.83 -37.95 -16.57
C ASP A 380 11.40 -36.93 -17.54
N LYS A 381 10.83 -36.85 -18.75
CA LYS A 381 11.34 -35.93 -19.76
C LYS A 381 11.24 -34.49 -19.28
N ILE A 382 12.25 -33.68 -19.61
CA ILE A 382 12.37 -32.32 -19.05
C ILE A 382 12.87 -31.36 -20.14
N TYR A 383 12.41 -30.11 -20.09
CA TYR A 383 12.88 -29.12 -21.05
C TYR A 383 12.85 -27.73 -20.43
N VAL A 384 13.57 -26.81 -21.05
CA VAL A 384 13.58 -25.41 -20.64
C VAL A 384 12.71 -24.62 -21.61
N ARG A 385 11.71 -23.94 -21.06
CA ARG A 385 10.86 -23.01 -21.80
C ARG A 385 11.37 -21.59 -21.60
N THR A 386 11.34 -20.78 -22.66
CA THR A 386 11.83 -19.40 -22.57
C THR A 386 10.93 -18.46 -23.36
N GLY A 387 11.01 -17.17 -23.00
CA GLY A 387 10.30 -16.13 -23.72
C GLY A 387 10.91 -14.78 -23.42
N ILE A 388 10.75 -13.85 -24.36
CA ILE A 388 11.19 -12.47 -24.16
C ILE A 388 9.97 -11.62 -23.84
N TYR A 389 10.03 -10.88 -22.74
CA TYR A 389 8.87 -10.16 -22.23
C TYR A 389 9.20 -8.69 -21.95
N HIS A 390 8.20 -7.85 -22.12
CA HIS A 390 8.20 -6.49 -21.64
C HIS A 390 7.03 -6.41 -20.68
N GLY A 391 7.34 -6.35 -19.39
CA GLY A 391 6.27 -6.51 -18.40
C GLY A 391 5.64 -7.88 -18.57
N GLY A 392 4.32 -7.91 -18.68
CA GLY A 392 3.68 -9.16 -19.00
C GLY A 392 3.46 -9.43 -20.47
N GLU A 393 3.95 -8.56 -21.35
CA GLU A 393 3.67 -8.66 -22.78
C GLU A 393 4.78 -9.44 -23.48
N PRO A 394 4.48 -10.55 -24.15
CA PRO A 394 5.52 -11.21 -24.95
C PRO A 394 5.98 -10.32 -26.09
N LEU A 395 7.27 -10.30 -26.33
CA LEU A 395 7.81 -9.56 -27.46
C LEU A 395 8.01 -10.42 -28.71
N CYS A 396 7.74 -11.72 -28.61
CA CYS A 396 7.98 -12.69 -29.68
C CYS A 396 7.46 -14.02 -29.15
N ASP A 397 7.46 -15.06 -29.98
CA ASP A 397 6.95 -16.35 -29.51
C ASP A 397 7.93 -16.97 -28.51
N ASN A 398 7.38 -17.77 -27.61
CA ASN A 398 8.23 -18.56 -26.71
C ASN A 398 9.07 -19.54 -27.52
N VAL A 399 10.21 -19.93 -26.95
CA VAL A 399 11.12 -20.88 -27.59
C VAL A 399 11.54 -21.93 -26.58
N ASN A 400 11.37 -23.21 -26.94
CA ASN A 400 11.66 -24.35 -26.08
C ASN A 400 12.98 -25.01 -26.47
N THR A 401 13.68 -25.58 -25.48
CA THR A 401 14.75 -26.51 -25.82
C THR A 401 14.18 -27.87 -26.20
N GLN A 402 15.06 -28.73 -26.69
CA GLN A 402 14.72 -30.14 -26.85
C GLN A 402 14.46 -30.79 -25.50
N ARG A 403 13.72 -31.90 -25.52
CA ARG A 403 13.42 -32.66 -24.31
C ARG A 403 14.60 -33.55 -23.95
N VAL A 404 14.85 -33.68 -22.65
CA VAL A 404 15.86 -34.59 -22.12
C VAL A 404 15.31 -35.21 -20.84
N PRO A 405 15.91 -36.32 -20.38
CA PRO A 405 15.46 -36.90 -19.12
C PRO A 405 16.05 -36.16 -17.93
N CYS A 406 15.28 -36.14 -16.83
CA CYS A 406 15.67 -35.34 -15.68
C CYS A 406 16.93 -35.87 -15.01
N SER A 407 17.36 -37.08 -15.32
CA SER A 407 18.58 -37.63 -14.77
C SER A 407 19.83 -37.09 -15.45
N ASN A 408 19.69 -36.42 -16.59
CA ASN A 408 20.80 -35.75 -17.27
C ASN A 408 20.29 -34.49 -17.94
N PRO A 409 20.13 -33.40 -17.18
CA PRO A 409 19.58 -32.14 -17.68
C PRO A 409 20.65 -31.26 -18.35
N ARG A 410 20.98 -31.61 -19.60
CA ARG A 410 21.98 -30.91 -20.37
C ARG A 410 21.43 -30.71 -21.78
N TRP A 411 21.55 -29.49 -22.30
CA TRP A 411 20.97 -29.12 -23.59
C TRP A 411 22.04 -28.60 -24.55
N ASN A 412 22.85 -27.65 -24.09
CA ASN A 412 23.84 -26.97 -24.94
C ASN A 412 23.24 -26.59 -26.28
N GLU A 413 22.10 -25.89 -26.21
CA GLU A 413 21.27 -25.57 -27.35
C GLU A 413 21.12 -24.06 -27.45
N TRP A 414 21.46 -23.51 -28.61
CA TRP A 414 21.16 -22.11 -28.89
C TRP A 414 19.68 -21.98 -29.25
N LEU A 415 19.01 -21.03 -28.62
CA LEU A 415 17.62 -20.71 -28.93
C LEU A 415 17.58 -19.40 -29.70
N ASN A 416 16.87 -19.39 -30.82
CA ASN A 416 16.77 -18.23 -31.68
C ASN A 416 15.42 -17.56 -31.49
N TYR A 417 15.43 -16.26 -31.23
CA TYR A 417 14.22 -15.52 -30.95
C TYR A 417 13.87 -14.67 -32.16
N ASP A 418 12.57 -14.55 -32.42
CA ASP A 418 12.07 -13.75 -33.55
C ASP A 418 12.05 -12.26 -33.17
N ILE A 419 13.23 -11.73 -32.88
CA ILE A 419 13.35 -10.30 -32.57
C ILE A 419 14.75 -9.83 -32.92
N TYR A 420 14.80 -8.66 -33.52
CA TYR A 420 16.02 -7.98 -33.91
C TYR A 420 16.59 -7.27 -32.67
N ILE A 421 17.90 -7.42 -32.45
CA ILE A 421 18.51 -6.87 -31.22
C ILE A 421 18.25 -5.39 -31.05
N PRO A 422 18.38 -4.53 -32.07
CA PRO A 422 18.09 -3.11 -31.86
C PRO A 422 16.64 -2.83 -31.49
N ASP A 423 15.72 -3.79 -31.67
CA ASP A 423 14.34 -3.60 -31.27
C ASP A 423 14.06 -3.96 -29.81
N LEU A 424 15.06 -4.42 -29.07
CA LEU A 424 14.85 -4.78 -27.67
C LEU A 424 14.56 -3.53 -26.84
N PRO A 425 13.42 -3.46 -26.16
CA PRO A 425 13.17 -2.30 -25.31
C PRO A 425 14.01 -2.36 -24.04
N ARG A 426 14.14 -1.19 -23.40
CA ARG A 426 15.03 -1.05 -22.24
C ARG A 426 14.68 -2.03 -21.12
N ALA A 427 13.39 -2.32 -20.93
CA ALA A 427 12.95 -3.20 -19.84
C ALA A 427 12.75 -4.65 -20.28
N ALA A 428 13.33 -5.05 -21.41
CA ALA A 428 13.15 -6.41 -21.89
C ALA A 428 13.72 -7.41 -20.89
N ARG A 429 12.98 -8.49 -20.69
CA ARG A 429 13.39 -9.55 -19.77
C ARG A 429 13.35 -10.89 -20.46
N LEU A 430 14.23 -11.79 -20.04
CA LEU A 430 14.17 -13.21 -20.37
C LEU A 430 13.44 -13.92 -19.23
N CYS A 431 12.36 -14.61 -19.56
CA CYS A 431 11.59 -15.38 -18.59
C CYS A 431 11.74 -16.86 -18.96
N LEU A 432 12.06 -17.70 -17.99
CA LEU A 432 12.24 -19.10 -18.32
C LEU A 432 11.75 -20.00 -17.21
N SER A 433 11.68 -21.30 -17.53
CA SER A 433 11.34 -22.31 -16.54
C SER A 433 11.80 -23.67 -17.04
N ILE A 434 11.97 -24.58 -16.07
CA ILE A 434 12.11 -26.01 -16.36
C ILE A 434 10.73 -26.65 -16.22
N CYS A 435 10.30 -27.35 -17.26
CA CYS A 435 8.97 -27.94 -17.30
C CYS A 435 9.07 -29.45 -17.47
N SER A 436 8.12 -30.16 -16.89
CA SER A 436 7.85 -31.57 -17.13
C SER A 436 6.81 -31.74 -18.24
N VAL A 437 6.82 -32.91 -18.88
CA VAL A 437 5.77 -33.28 -19.82
C VAL A 437 4.98 -34.48 -19.31
N GLU A 445 -0.76 -34.61 -23.56
CA GLU A 445 0.49 -34.31 -22.86
C GLU A 445 0.33 -33.22 -21.81
N GLU A 446 0.45 -33.60 -20.54
CA GLU A 446 0.33 -32.66 -19.44
C GLU A 446 1.69 -32.02 -19.19
N HIS A 447 1.80 -30.74 -19.52
CA HIS A 447 2.99 -29.95 -19.23
C HIS A 447 2.87 -29.32 -17.85
N CYS A 448 4.00 -29.19 -17.17
CA CYS A 448 3.92 -28.55 -15.85
C CYS A 448 5.25 -27.89 -15.46
N PRO A 449 5.23 -26.64 -15.00
CA PRO A 449 6.47 -26.00 -14.57
C PRO A 449 6.95 -26.59 -13.26
N LEU A 450 8.27 -26.81 -13.17
CA LEU A 450 8.91 -27.28 -11.94
C LEU A 450 9.64 -26.19 -11.19
N ALA A 451 10.23 -25.23 -11.92
CA ALA A 451 11.00 -24.13 -11.36
C ALA A 451 11.10 -23.05 -12.41
N TRP A 452 11.14 -21.80 -11.98
CA TRP A 452 11.10 -20.68 -12.90
C TRP A 452 12.10 -19.61 -12.47
N GLY A 453 12.43 -18.73 -13.41
CA GLY A 453 13.26 -17.57 -13.10
C GLY A 453 13.32 -16.59 -14.26
N ASN A 454 13.51 -15.31 -13.95
CA ASN A 454 13.52 -14.24 -14.93
C ASN A 454 14.78 -13.40 -14.76
N ILE A 455 15.27 -12.82 -15.85
CA ILE A 455 16.41 -11.92 -15.76
C ILE A 455 16.25 -10.73 -16.68
N ASN A 456 16.79 -9.60 -16.24
CA ASN A 456 16.85 -8.40 -17.06
C ASN A 456 17.84 -8.61 -18.19
N LEU A 457 17.42 -8.28 -19.42
CA LEU A 457 18.35 -8.41 -20.53
C LEU A 457 19.37 -7.26 -20.55
N PHE A 458 19.10 -6.15 -19.87
CA PHE A 458 20.08 -5.10 -19.64
C PHE A 458 20.34 -4.97 -18.14
N ASP A 459 21.58 -4.70 -17.76
CA ASP A 459 21.85 -4.54 -16.34
C ASP A 459 21.65 -3.08 -15.93
N TYR A 460 21.93 -2.78 -14.65
CA TYR A 460 21.61 -1.46 -14.12
C TYR A 460 22.45 -0.35 -14.73
N THR A 461 23.54 -0.69 -15.42
CA THR A 461 24.36 0.31 -16.11
C THR A 461 24.02 0.40 -17.59
N ASP A 462 22.91 -0.19 -18.03
CA ASP A 462 22.41 -0.19 -19.42
C ASP A 462 23.17 -1.14 -20.34
N THR A 463 23.88 -2.13 -19.79
CA THR A 463 24.65 -3.06 -20.60
C THR A 463 23.85 -4.32 -20.93
N LEU A 464 23.83 -4.69 -22.22
CA LEU A 464 23.23 -5.96 -22.61
C LEU A 464 23.99 -7.12 -21.97
N VAL A 465 23.25 -8.10 -21.47
CA VAL A 465 23.88 -9.25 -20.82
C VAL A 465 24.82 -9.93 -21.80
N SER A 466 25.93 -10.44 -21.28
CA SER A 466 26.95 -11.08 -22.09
C SER A 466 27.63 -12.16 -21.26
N GLY A 467 28.35 -13.03 -21.95
CA GLY A 467 29.10 -14.04 -21.24
C GLY A 467 28.20 -15.14 -20.70
N LYS A 468 28.68 -15.78 -19.65
CA LYS A 468 27.98 -16.88 -19.02
C LYS A 468 27.32 -16.40 -17.74
N MET A 469 26.23 -17.07 -17.36
CA MET A 469 25.48 -16.70 -16.18
C MET A 469 24.88 -17.98 -15.60
N ALA A 470 24.84 -18.06 -14.28
CA ALA A 470 24.08 -19.09 -13.59
C ALA A 470 22.91 -18.43 -12.90
N LEU A 471 21.73 -19.02 -13.04
CA LEU A 471 20.51 -18.45 -12.50
C LEU A 471 19.88 -19.51 -11.61
N ASN A 472 19.83 -19.25 -10.30
CA ASN A 472 19.13 -20.17 -9.40
C ASN A 472 17.65 -19.88 -9.44
N LEU A 473 16.86 -20.93 -9.60
CA LEU A 473 15.44 -20.81 -9.93
C LEU A 473 14.59 -20.88 -8.67
N TRP A 474 13.31 -20.59 -8.86
CA TRP A 474 12.34 -20.46 -7.80
C TRP A 474 11.30 -21.56 -7.88
N PRO A 475 10.67 -21.92 -6.77
CA PRO A 475 9.60 -22.91 -6.80
C PRO A 475 8.30 -22.33 -7.35
N VAL A 476 7.47 -23.21 -7.87
CA VAL A 476 6.23 -22.80 -8.54
C VAL A 476 5.20 -22.43 -7.47
N PRO A 477 4.56 -21.28 -7.56
CA PRO A 477 3.55 -20.92 -6.55
C PRO A 477 2.30 -21.77 -6.73
N HIS A 478 1.80 -22.32 -5.63
CA HIS A 478 0.56 -23.09 -5.65
C HIS A 478 -0.57 -22.22 -6.18
N GLY A 479 -1.08 -22.55 -7.36
CA GLY A 479 -2.10 -21.75 -8.01
C GLY A 479 -1.76 -21.46 -9.46
N LEU A 480 -0.48 -21.25 -9.73
CA LEU A 480 0.00 -21.03 -11.08
C LEU A 480 0.13 -22.36 -11.81
N GLU A 481 -0.46 -22.44 -13.00
CA GLU A 481 -0.27 -23.58 -13.90
C GLU A 481 0.29 -23.16 -15.24
N ASP A 482 0.39 -21.86 -15.52
CA ASP A 482 1.15 -21.34 -16.66
C ASP A 482 2.56 -21.93 -16.67
N LEU A 483 3.19 -21.95 -17.84
CA LEU A 483 4.52 -22.54 -17.92
C LEU A 483 5.64 -21.53 -17.67
N LEU A 484 5.38 -20.23 -17.84
CA LEU A 484 6.33 -19.18 -17.47
C LEU A 484 5.67 -18.32 -16.40
N ASN A 485 6.50 -17.53 -15.72
CA ASN A 485 6.04 -16.66 -14.62
C ASN A 485 6.61 -15.26 -14.78
N PRO A 486 6.24 -14.56 -15.86
CA PRO A 486 6.89 -13.26 -16.14
C PRO A 486 6.57 -12.16 -15.13
N ILE A 487 5.46 -12.26 -14.39
CA ILE A 487 5.18 -11.29 -13.34
C ILE A 487 5.74 -11.75 -12.00
N GLY A 488 6.36 -12.92 -11.96
CA GLY A 488 7.20 -13.25 -10.84
C GLY A 488 8.40 -12.34 -10.75
N VAL A 489 9.06 -12.38 -9.59
CA VAL A 489 10.22 -11.54 -9.37
C VAL A 489 11.34 -11.90 -10.35
N THR A 490 12.18 -10.91 -10.63
CA THR A 490 13.30 -11.05 -11.55
C THR A 490 14.58 -11.15 -10.75
N GLY A 491 15.49 -12.02 -11.16
CA GLY A 491 16.78 -12.20 -10.52
C GLY A 491 16.93 -13.58 -9.90
N SER A 492 18.16 -13.86 -9.47
CA SER A 492 18.54 -15.19 -9.04
C SER A 492 18.06 -15.46 -7.61
N ASN A 493 17.63 -16.70 -7.37
CA ASN A 493 17.27 -17.14 -6.03
C ASN A 493 18.47 -17.04 -5.08
N PRO A 494 18.34 -16.38 -3.93
CA PRO A 494 19.48 -16.31 -2.99
C PRO A 494 19.84 -17.65 -2.41
N ASN A 495 18.87 -18.56 -2.32
CA ASN A 495 19.13 -19.93 -1.90
C ASN A 495 19.83 -20.65 -3.05
N LYS A 496 21.11 -20.96 -2.88
CA LYS A 496 21.92 -21.58 -3.91
C LYS A 496 21.82 -23.09 -3.93
N GLU A 497 20.96 -23.67 -3.09
CA GLU A 497 20.72 -25.12 -3.09
C GLU A 497 19.39 -25.42 -3.80
N THR A 498 19.33 -24.93 -5.03
CA THR A 498 18.11 -24.89 -5.82
C THR A 498 18.49 -25.18 -7.26
N PRO A 499 17.54 -25.64 -8.08
CA PRO A 499 17.84 -25.80 -9.52
C PRO A 499 18.53 -24.57 -10.08
N CYS A 500 19.69 -24.77 -10.70
CA CYS A 500 20.55 -23.69 -11.19
C CYS A 500 20.79 -23.91 -12.67
N LEU A 501 20.28 -23.00 -13.50
CA LEU A 501 20.40 -23.11 -14.94
C LEU A 501 21.57 -22.26 -15.41
N GLU A 502 22.46 -22.85 -16.20
CA GLU A 502 23.59 -22.12 -16.75
C GLU A 502 23.24 -21.63 -18.15
N LEU A 503 23.47 -20.35 -18.40
CA LEU A 503 23.12 -19.70 -19.65
C LEU A 503 24.37 -19.11 -20.27
N GLU A 504 24.33 -18.93 -21.58
CA GLU A 504 25.38 -18.17 -22.26
C GLU A 504 24.73 -17.27 -23.29
N PHE A 505 25.13 -16.00 -23.27
CA PHE A 505 24.60 -15.01 -24.17
C PHE A 505 25.55 -14.78 -25.32
N ASP A 506 25.08 -14.04 -26.33
CA ASP A 506 25.86 -13.84 -27.54
C ASP A 506 27.07 -12.96 -27.27
N TRP A 507 28.12 -13.14 -28.09
CA TRP A 507 29.35 -12.36 -28.03
C TRP A 507 29.43 -11.43 -29.23
N PHE A 508 29.94 -10.21 -29.00
CA PHE A 508 29.96 -9.20 -30.06
C PHE A 508 31.26 -8.41 -30.11
N SER A 509 32.34 -8.91 -29.53
CA SER A 509 33.65 -8.25 -29.56
C SER A 509 33.61 -6.86 -28.93
N SER A 510 32.58 -6.58 -28.14
CA SER A 510 32.33 -5.22 -27.68
C SER A 510 31.27 -5.23 -26.60
N VAL A 511 31.42 -4.33 -25.62
CA VAL A 511 30.35 -4.07 -24.68
C VAL A 511 29.21 -3.35 -25.42
N VAL A 512 27.99 -3.82 -25.24
CA VAL A 512 26.82 -3.23 -25.91
C VAL A 512 25.99 -2.49 -24.89
N LYS A 513 25.68 -1.23 -25.16
CA LYS A 513 24.96 -0.37 -24.23
C LYS A 513 23.67 0.14 -24.88
N PHE A 514 22.60 0.20 -24.10
CA PHE A 514 21.40 0.87 -24.58
C PHE A 514 21.75 2.30 -24.97
N PRO A 515 21.20 2.82 -26.07
CA PRO A 515 21.62 4.15 -26.51
C PRO A 515 21.15 5.21 -25.53
N ASP A 516 21.92 6.29 -25.45
CA ASP A 516 21.57 7.40 -24.56
C ASP A 516 20.37 8.16 -25.11
N MET A 517 19.82 9.04 -24.27
CA MET A 517 18.58 9.72 -24.61
C MET A 517 18.72 10.64 -25.81
N SER A 518 19.88 11.28 -26.00
CA SER A 518 20.00 12.16 -27.15
C SER A 518 19.91 11.38 -28.46
N VAL A 519 20.46 10.17 -28.49
CA VAL A 519 20.34 9.32 -29.67
C VAL A 519 18.89 8.91 -29.89
N ILE A 520 18.18 8.62 -28.80
CA ILE A 520 16.79 8.21 -28.93
C ILE A 520 15.94 9.35 -29.45
N GLU A 521 16.18 10.57 -28.94
CA GLU A 521 15.41 11.73 -29.38
C GLU A 521 15.67 12.04 -30.84
N GLU A 522 16.92 11.93 -31.29
CA GLU A 522 17.21 12.16 -32.70
C GLU A 522 16.44 11.16 -33.58
N HIS A 523 16.40 9.90 -33.17
CA HIS A 523 15.70 8.90 -33.97
C HIS A 523 14.20 9.17 -33.98
N ALA A 524 13.63 9.54 -32.83
CA ALA A 524 12.21 9.88 -32.77
C ALA A 524 11.88 11.06 -33.68
N ASN A 525 12.71 12.11 -33.65
CA ASN A 525 12.46 13.27 -34.51
C ASN A 525 12.52 12.89 -35.98
N TRP A 526 13.48 12.05 -36.35
CA TRP A 526 13.56 11.56 -37.73
C TRP A 526 12.28 10.83 -38.11
N SER A 527 11.79 9.94 -37.23
CA SER A 527 10.58 9.16 -37.49
C SER A 527 9.36 10.08 -37.68
N VAL A 528 9.19 11.01 -36.74
CA VAL A 528 8.04 11.93 -36.76
C VAL A 528 8.03 12.75 -38.04
N SER A 529 9.20 13.26 -38.44
CA SER A 529 9.26 14.06 -39.66
C SER A 529 9.03 13.20 -40.90
N ARG A 530 9.50 11.95 -40.89
CA ARG A 530 9.23 11.05 -42.02
C ARG A 530 7.73 10.74 -42.12
N GLU A 531 7.09 10.41 -40.98
CA GLU A 531 5.67 10.09 -41.01
C GLU A 531 4.84 11.27 -41.46
N ALA A 532 5.25 12.48 -41.09
CA ALA A 532 4.52 13.68 -41.50
C ALA A 532 4.57 13.90 -43.02
N GLY A 533 5.53 13.29 -43.70
CA GLY A 533 5.55 13.36 -45.15
C GLY A 533 4.87 12.22 -45.88
N PHE A 534 4.28 11.27 -45.15
CA PHE A 534 3.67 10.10 -45.78
C PHE A 534 2.48 10.50 -46.65
N SER A 535 2.44 9.98 -47.87
CA SER A 535 1.28 10.16 -48.74
C SER A 535 0.06 9.43 -48.19
N TYR A 536 -1.10 9.81 -48.72
CA TYR A 536 -2.36 9.15 -48.40
C TYR A 536 -2.25 7.64 -48.59
N SER A 537 -1.71 7.20 -49.73
CA SER A 537 -1.62 5.76 -50.00
C SER A 537 -0.62 5.07 -49.06
N HIS A 538 0.51 5.73 -48.77
CA HIS A 538 1.43 5.18 -47.77
C HIS A 538 0.73 4.99 -46.42
N ALA A 539 0.05 6.03 -45.93
CA ALA A 539 -0.64 5.88 -44.65
C ALA A 539 -1.67 4.75 -44.70
N GLY A 540 -2.29 4.51 -45.86
CA GLY A 540 -3.22 3.40 -45.98
C GLY A 540 -2.60 2.03 -45.86
N LEU A 541 -1.28 1.91 -45.89
CA LEU A 541 -0.67 0.59 -45.75
C LEU A 541 -0.82 0.00 -44.35
N SER A 542 -1.12 0.82 -43.33
CA SER A 542 -1.12 0.36 -41.94
C SER A 542 -2.16 1.14 -41.14
N ASN A 543 -2.95 0.42 -40.35
CA ASN A 543 -3.89 1.11 -39.46
C ASN A 543 -3.17 1.81 -38.32
N ARG A 544 -1.88 1.59 -38.14
CA ARG A 544 -1.13 2.33 -37.13
C ARG A 544 -0.63 3.66 -37.66
N LEU A 545 -0.81 3.92 -38.96
CA LEU A 545 -0.52 5.21 -39.54
C LEU A 545 -1.83 5.94 -39.78
N ALA A 546 -1.85 7.20 -39.44
CA ALA A 546 -2.99 8.05 -39.76
C ALA A 546 -2.44 9.40 -40.17
N ARG A 547 -3.11 10.03 -41.11
CA ARG A 547 -2.66 11.33 -41.56
C ARG A 547 -3.22 12.40 -40.64
N ASP A 548 -2.39 13.40 -40.35
CA ASP A 548 -2.73 14.51 -39.45
C ASP A 548 -4.15 15.02 -39.69
N ASN A 549 -4.44 15.40 -40.94
CA ASN A 549 -5.75 15.89 -41.33
C ASN A 549 -6.88 15.02 -40.81
N GLU A 550 -6.99 13.80 -41.34
CA GLU A 550 -8.13 12.88 -41.19
C GLU A 550 -8.95 13.00 -39.90
N LEU A 551 -8.30 13.31 -38.78
CA LEU A 551 -8.92 13.29 -37.46
C LEU A 551 -10.26 14.03 -37.40
N ARG A 552 -11.35 13.30 -37.28
CA ARG A 552 -12.69 13.88 -37.16
C ARG A 552 -13.08 13.97 -35.69
N GLU A 553 -14.15 14.71 -35.42
CA GLU A 553 -14.56 14.84 -34.04
C GLU A 553 -15.21 13.57 -33.49
N ASN A 554 -15.66 12.66 -34.36
CA ASN A 554 -16.17 11.38 -33.85
C ASN A 554 -15.02 10.50 -33.37
N ASP A 555 -13.88 10.56 -34.07
CA ASP A 555 -12.69 9.88 -33.54
C ASP A 555 -12.25 10.51 -32.24
N LYS A 556 -12.44 11.83 -32.09
CA LYS A 556 -12.12 12.50 -30.84
C LYS A 556 -13.02 12.02 -29.72
N GLU A 557 -14.30 11.82 -30.00
CA GLU A 557 -15.19 11.27 -28.98
C GLU A 557 -14.81 9.84 -28.63
N GLN A 558 -14.41 9.05 -29.64
CA GLN A 558 -14.03 7.66 -29.39
C GLN A 558 -12.78 7.58 -28.53
N LEU A 559 -11.80 8.46 -28.77
CA LEU A 559 -10.65 8.55 -27.89
C LEU A 559 -11.07 8.90 -26.46
N LYS A 560 -11.92 9.90 -26.31
CA LYS A 560 -12.38 10.28 -24.97
C LYS A 560 -13.12 9.12 -24.31
N ALA A 561 -13.97 8.43 -25.07
CA ALA A 561 -14.66 7.26 -24.53
C ALA A 561 -13.67 6.22 -24.02
N ILE A 562 -12.68 5.88 -24.85
CA ILE A 562 -11.70 4.88 -24.43
C ILE A 562 -11.02 5.31 -23.14
N SER A 563 -10.73 6.60 -23.00
CA SER A 563 -9.99 7.07 -21.82
C SER A 563 -10.78 6.90 -20.52
N THR A 564 -12.09 6.70 -20.60
CA THR A 564 -12.88 6.57 -19.38
C THR A 564 -13.05 5.13 -18.92
N ARG A 565 -12.67 4.15 -19.74
CA ARG A 565 -12.78 2.76 -19.33
C ARG A 565 -11.79 2.45 -18.21
N ASP A 566 -12.15 1.45 -17.42
CA ASP A 566 -11.37 1.06 -16.25
C ASP A 566 -10.11 0.31 -16.66
N PRO A 567 -9.12 0.23 -15.76
CA PRO A 567 -7.81 -0.33 -16.16
C PRO A 567 -7.84 -1.79 -16.60
N LEU A 568 -8.87 -2.56 -16.24
CA LEU A 568 -8.91 -3.96 -16.58
C LEU A 568 -9.77 -4.24 -17.81
N SER A 569 -10.32 -3.19 -18.42
CA SER A 569 -11.12 -3.37 -19.63
C SER A 569 -10.18 -3.69 -20.80
N GLU A 570 -10.54 -4.71 -21.60
CA GLU A 570 -9.69 -5.09 -22.72
C GLU A 570 -9.60 -3.96 -23.74
N ILE A 571 -8.41 -3.74 -24.29
CA ILE A 571 -8.22 -2.83 -25.41
C ILE A 571 -8.02 -3.70 -26.64
N THR A 572 -8.97 -3.69 -27.57
CA THR A 572 -8.83 -4.55 -28.75
C THR A 572 -7.64 -4.10 -29.59
N GLU A 573 -7.17 -5.01 -30.46
CA GLU A 573 -6.06 -4.63 -31.32
C GLU A 573 -6.43 -3.44 -32.20
N GLN A 574 -7.66 -3.38 -32.69
CA GLN A 574 -8.05 -2.23 -33.50
C GLN A 574 -8.02 -0.95 -32.66
N GLU A 575 -8.42 -1.04 -31.40
CA GLU A 575 -8.32 0.13 -30.52
C GLU A 575 -6.87 0.55 -30.33
N LYS A 576 -5.97 -0.42 -30.17
CA LYS A 576 -4.56 -0.11 -29.98
C LYS A 576 -3.96 0.59 -31.19
N ASP A 577 -4.26 0.09 -32.41
CA ASP A 577 -3.78 0.78 -33.61
C ASP A 577 -4.33 2.19 -33.68
N PHE A 578 -5.59 2.34 -33.31
CA PHE A 578 -6.26 3.63 -33.28
C PHE A 578 -5.60 4.60 -32.29
N LEU A 579 -5.39 4.15 -31.05
CA LEU A 579 -4.71 5.00 -30.08
C LEU A 579 -3.32 5.38 -30.58
N TRP A 580 -2.54 4.41 -31.04
CA TRP A 580 -1.18 4.72 -31.45
C TRP A 580 -1.19 5.74 -32.58
N SER A 581 -2.07 5.55 -33.57
CA SER A 581 -2.06 6.45 -34.72
C SER A 581 -2.44 7.87 -34.34
N HIS A 582 -3.18 8.04 -33.23
CA HIS A 582 -3.58 9.36 -32.77
C HIS A 582 -2.89 9.76 -31.47
N ARG A 583 -1.67 9.25 -31.26
CA ARG A 583 -0.93 9.52 -30.03
C ARG A 583 -0.74 11.01 -29.78
N HIS A 584 -0.62 11.82 -30.85
CA HIS A 584 -0.34 13.23 -30.65
C HIS A 584 -1.58 13.97 -30.14
N TYR A 585 -2.76 13.62 -30.64
CA TYR A 585 -3.97 14.17 -30.05
C TYR A 585 -4.16 13.71 -28.62
N CYS A 586 -3.72 12.48 -28.28
CA CYS A 586 -3.88 11.96 -26.92
C CYS A 586 -3.25 12.88 -25.90
N VAL A 587 -2.22 13.65 -26.28
CA VAL A 587 -1.60 14.60 -25.37
C VAL A 587 -2.64 15.57 -24.82
N THR A 588 -3.71 15.84 -25.58
CA THR A 588 -4.76 16.75 -25.13
C THR A 588 -5.75 16.11 -24.18
N ILE A 589 -5.68 14.80 -23.98
CA ILE A 589 -6.49 14.12 -22.97
C ILE A 589 -5.52 13.24 -22.18
N PRO A 590 -4.74 13.83 -21.28
CA PRO A 590 -3.54 13.15 -20.79
C PRO A 590 -3.80 11.96 -19.92
N GLU A 591 -4.99 11.85 -19.32
CA GLU A 591 -5.29 10.67 -18.52
C GLU A 591 -5.38 9.40 -19.37
N ILE A 592 -5.38 9.52 -20.70
CA ILE A 592 -5.39 8.31 -21.54
C ILE A 592 -4.02 7.65 -21.62
N LEU A 593 -2.99 8.26 -21.01
CA LEU A 593 -1.64 7.71 -21.13
C LEU A 593 -1.55 6.22 -20.82
N PRO A 594 -2.16 5.67 -19.76
CA PRO A 594 -2.01 4.21 -19.51
C PRO A 594 -2.47 3.35 -20.67
N LYS A 595 -3.56 3.73 -21.34
CA LYS A 595 -4.05 2.94 -22.48
C LYS A 595 -3.17 3.11 -23.70
N LEU A 596 -2.71 4.34 -23.95
CA LEU A 596 -1.77 4.56 -25.06
C LEU A 596 -0.53 3.71 -24.89
N LEU A 597 -0.02 3.62 -23.65
CA LEU A 597 1.20 2.86 -23.39
C LEU A 597 1.01 1.37 -23.68
N LEU A 598 -0.16 0.82 -23.36
CA LEU A 598 -0.42 -0.58 -23.69
C LEU A 598 -0.74 -0.77 -25.17
N SER A 599 -0.78 0.31 -25.97
CA SER A 599 -1.00 0.20 -27.40
C SER A 599 0.31 0.27 -28.19
N VAL A 600 1.40 0.68 -27.54
CA VAL A 600 2.70 0.78 -28.20
C VAL A 600 3.17 -0.60 -28.60
N LYS A 601 3.82 -0.68 -29.76
N LYS A 601 3.82 -0.69 -29.75
CA LYS A 601 4.55 -1.90 -30.16
CA LYS A 601 4.50 -1.93 -30.12
C LYS A 601 5.90 -1.86 -29.45
C LYS A 601 5.88 -1.89 -29.47
N TRP A 602 6.00 -2.53 -28.31
CA TRP A 602 7.22 -2.44 -27.51
C TRP A 602 8.41 -3.16 -28.13
N ASN A 603 8.19 -4.01 -29.14
CA ASN A 603 9.30 -4.62 -29.86
C ASN A 603 9.65 -3.83 -31.13
N SER A 604 9.29 -2.54 -31.20
CA SER A 604 9.65 -1.68 -32.32
C SER A 604 10.39 -0.46 -31.79
N ARG A 605 11.67 -0.34 -32.12
CA ARG A 605 12.42 0.80 -31.61
C ARG A 605 11.91 2.10 -32.23
N ASP A 606 11.37 2.04 -33.43
CA ASP A 606 10.78 3.23 -34.07
C ASP A 606 9.65 3.79 -33.23
N GLU A 607 8.74 2.92 -32.78
CA GLU A 607 7.62 3.40 -31.98
C GLU A 607 8.07 3.77 -30.58
N VAL A 608 8.93 2.94 -29.97
CA VAL A 608 9.27 3.18 -28.58
C VAL A 608 10.03 4.49 -28.43
N ALA A 609 10.93 4.81 -29.37
CA ALA A 609 11.64 6.08 -29.29
C ALA A 609 10.67 7.26 -29.37
N GLN A 610 9.66 7.16 -30.23
CA GLN A 610 8.62 8.20 -30.28
C GLN A 610 7.82 8.26 -28.97
N MET A 611 7.49 7.10 -28.39
CA MET A 611 6.78 7.10 -27.11
C MET A 611 7.62 7.77 -26.02
N TYR A 612 8.93 7.54 -26.04
CA TYR A 612 9.81 8.20 -25.08
C TYR A 612 9.65 9.71 -25.13
N CYS A 613 9.71 10.29 -26.33
CA CYS A 613 9.61 11.75 -26.42
C CYS A 613 8.21 12.24 -26.05
N LEU A 614 7.16 11.44 -26.31
CA LEU A 614 5.85 11.86 -25.82
C LEU A 614 5.80 11.85 -24.30
N VAL A 615 6.39 10.83 -23.70
CA VAL A 615 6.34 10.73 -22.24
C VAL A 615 7.14 11.84 -21.59
N LYS A 616 8.31 12.18 -22.16
CA LYS A 616 9.16 13.17 -21.51
C LYS A 616 8.46 14.52 -21.38
N ASP A 617 7.59 14.89 -22.32
CA ASP A 617 6.82 16.14 -22.19
C ASP A 617 5.32 15.91 -21.96
N TRP A 618 4.93 14.74 -21.48
CA TRP A 618 3.51 14.50 -21.26
C TRP A 618 2.97 15.40 -20.15
N PRO A 619 1.75 15.91 -20.28
CA PRO A 619 1.19 16.74 -19.23
C PRO A 619 1.04 15.95 -17.95
N PRO A 620 1.06 16.62 -16.80
CA PRO A 620 0.92 15.88 -15.55
C PRO A 620 -0.49 15.34 -15.39
N ILE A 621 -0.61 14.19 -14.72
CA ILE A 621 -1.92 13.64 -14.36
C ILE A 621 -1.97 13.53 -12.83
N LYS A 622 -3.18 13.25 -12.32
CA LYS A 622 -3.42 13.15 -10.89
C LYS A 622 -2.59 12.02 -10.28
N PRO A 623 -2.12 12.20 -9.04
CA PRO A 623 -1.34 11.13 -8.40
C PRO A 623 -2.06 9.80 -8.39
N GLU A 624 -3.38 9.80 -8.19
CA GLU A 624 -4.12 8.54 -8.22
C GLU A 624 -4.05 7.88 -9.59
N GLN A 625 -3.91 8.68 -10.65
CA GLN A 625 -3.79 8.10 -11.98
C GLN A 625 -2.36 7.69 -12.26
N ALA A 626 -1.40 8.47 -11.75
CA ALA A 626 0.00 8.14 -11.97
C ALA A 626 0.40 6.83 -11.28
N MET A 627 -0.26 6.49 -10.17
CA MET A 627 0.12 5.30 -9.41
C MET A 627 -0.06 4.03 -10.22
N GLU A 628 -1.07 4.00 -11.10
CA GLU A 628 -1.25 2.88 -12.01
C GLU A 628 0.02 2.59 -12.81
N LEU A 629 0.72 3.63 -13.24
CA LEU A 629 1.91 3.49 -14.07
C LEU A 629 3.10 2.94 -13.30
N LEU A 630 2.97 2.68 -12.00
CA LEU A 630 4.02 2.02 -11.26
C LEU A 630 3.73 0.54 -11.05
N ASP A 631 2.59 0.02 -11.52
CA ASP A 631 2.27 -1.37 -11.26
C ASP A 631 3.01 -2.26 -12.26
N CYS A 632 2.73 -3.56 -12.24
CA CYS A 632 3.54 -4.50 -13.03
C CYS A 632 3.27 -4.44 -14.52
N ASN A 633 2.24 -3.71 -14.97
CA ASN A 633 2.00 -3.52 -16.40
C ASN A 633 2.91 -2.48 -17.07
N TYR A 634 3.74 -1.75 -16.32
CA TYR A 634 4.49 -0.61 -16.83
C TYR A 634 5.93 -0.69 -16.34
N PRO A 635 6.75 -1.55 -16.96
CA PRO A 635 8.15 -1.70 -16.53
C PRO A 635 9.11 -0.64 -17.06
N ASP A 636 8.70 0.13 -18.08
CA ASP A 636 9.67 1.02 -18.70
C ASP A 636 10.11 2.15 -17.77
N PRO A 637 11.42 2.41 -17.66
CA PRO A 637 11.87 3.42 -16.69
C PRO A 637 11.43 4.83 -17.03
N MET A 638 11.26 5.18 -18.31
CA MET A 638 10.79 6.53 -18.63
C MET A 638 9.33 6.71 -18.20
N VAL A 639 8.52 5.67 -18.34
CA VAL A 639 7.12 5.71 -17.90
C VAL A 639 7.06 5.83 -16.38
N ARG A 640 7.83 5.00 -15.67
CA ARG A 640 7.80 5.03 -14.22
C ARG A 640 8.39 6.33 -13.70
N GLY A 641 9.37 6.91 -14.42
CA GLY A 641 9.93 8.19 -14.02
C GLY A 641 8.91 9.31 -14.12
N PHE A 642 8.11 9.31 -15.18
CA PHE A 642 7.00 10.26 -15.30
C PHE A 642 6.01 10.07 -14.15
N ALA A 643 5.70 8.83 -13.79
CA ALA A 643 4.78 8.61 -12.68
C ALA A 643 5.36 9.20 -11.39
N VAL A 644 6.67 9.03 -11.16
CA VAL A 644 7.28 9.54 -9.94
C VAL A 644 7.28 11.06 -9.94
N ARG A 645 7.52 11.70 -11.09
CA ARG A 645 7.49 13.16 -11.15
C ARG A 645 6.10 13.69 -10.81
N CYS A 646 5.05 13.00 -11.28
CA CYS A 646 3.68 13.37 -10.89
C CYS A 646 3.49 13.27 -9.38
N LEU A 647 3.99 12.21 -8.74
CA LEU A 647 3.88 12.15 -7.28
C LEU A 647 4.69 13.25 -6.62
N GLU A 648 5.87 13.53 -7.16
CA GLU A 648 6.70 14.57 -6.53
C GLU A 648 5.99 15.92 -6.56
N LYS A 649 5.26 16.19 -7.63
CA LYS A 649 4.63 17.50 -7.80
C LYS A 649 3.26 17.59 -7.13
N TYR A 650 2.53 16.49 -7.00
CA TYR A 650 1.12 16.59 -6.61
C TYR A 650 0.68 15.74 -5.43
N LEU A 651 1.47 14.76 -4.99
CA LEU A 651 1.00 13.90 -3.91
C LEU A 651 1.30 14.56 -2.56
N THR A 652 0.25 14.85 -1.80
CA THR A 652 0.44 15.38 -0.46
C THR A 652 0.96 14.31 0.50
N ASP A 653 1.63 14.76 1.56
CA ASP A 653 2.06 13.81 2.59
C ASP A 653 0.89 13.02 3.16
N ASP A 654 -0.30 13.64 3.26
CA ASP A 654 -1.47 12.92 3.77
C ASP A 654 -1.84 11.74 2.86
N LYS A 655 -1.87 11.97 1.54
CA LYS A 655 -2.16 10.87 0.62
C LYS A 655 -0.99 9.91 0.49
N LEU A 656 0.24 10.38 0.61
CA LEU A 656 1.37 9.45 0.60
C LEU A 656 1.25 8.46 1.76
N SER A 657 0.93 8.95 2.97
CA SER A 657 0.63 8.02 4.07
C SER A 657 -0.53 7.10 3.73
N GLN A 658 -1.60 7.63 3.15
CA GLN A 658 -2.76 6.80 2.82
C GLN A 658 -2.41 5.65 1.87
N TYR A 659 -1.57 5.90 0.85
CA TYR A 659 -1.23 4.89 -0.16
C TYR A 659 0.15 4.26 0.02
N LEU A 660 0.77 4.40 1.20
CA LEU A 660 2.16 3.97 1.37
C LEU A 660 2.32 2.47 1.21
N ILE A 661 1.34 1.69 1.67
CA ILE A 661 1.40 0.22 1.51
C ILE A 661 1.60 -0.14 0.04
N GLN A 662 0.82 0.48 -0.85
CA GLN A 662 0.95 0.18 -2.29
C GLN A 662 2.28 0.67 -2.84
N LEU A 663 2.71 1.86 -2.45
CA LEU A 663 3.94 2.41 -3.00
C LEU A 663 5.15 1.56 -2.59
N VAL A 664 5.13 1.03 -1.38
CA VAL A 664 6.20 0.11 -0.98
C VAL A 664 6.16 -1.16 -1.81
N GLN A 665 4.95 -1.72 -2.01
CA GLN A 665 4.82 -2.97 -2.78
C GLN A 665 5.38 -2.80 -4.19
N VAL A 666 5.13 -1.66 -4.84
CA VAL A 666 5.56 -1.58 -6.24
C VAL A 666 7.06 -1.35 -6.37
N LEU A 667 7.78 -1.11 -5.28
CA LEU A 667 9.24 -1.18 -5.32
C LEU A 667 9.71 -2.52 -5.85
N LYS A 668 8.95 -3.57 -5.57
CA LYS A 668 9.35 -4.91 -5.96
C LYS A 668 9.32 -5.09 -7.46
N TYR A 669 8.58 -4.26 -8.18
CA TYR A 669 8.55 -4.36 -9.63
C TYR A 669 9.66 -3.56 -10.30
N GLU A 670 10.42 -2.77 -9.55
CA GLU A 670 11.54 -2.06 -10.15
C GLU A 670 12.60 -3.05 -10.64
N GLN A 671 13.09 -2.82 -11.85
CA GLN A 671 14.16 -3.65 -12.41
C GLN A 671 15.41 -3.61 -11.53
N TYR A 672 15.76 -2.43 -11.02
CA TYR A 672 17.04 -2.18 -10.39
C TYR A 672 16.88 -1.66 -8.97
N LEU A 673 17.94 -1.83 -8.18
CA LEU A 673 17.92 -1.38 -6.79
C LEU A 673 17.77 0.12 -6.71
N ASP A 674 18.57 0.85 -7.49
CA ASP A 674 18.57 2.31 -7.53
C ASP A 674 17.63 2.77 -8.63
N ASN A 675 16.60 3.52 -8.27
CA ASN A 675 15.61 3.99 -9.24
C ASN A 675 14.96 5.24 -8.67
N LEU A 676 14.17 5.92 -9.52
CA LEU A 676 13.57 7.19 -9.11
C LEU A 676 12.51 7.00 -8.01
N LEU A 677 11.76 5.90 -8.04
CA LEU A 677 10.70 5.70 -7.06
C LEU A 677 11.29 5.51 -5.66
N VAL A 678 12.32 4.67 -5.56
CA VAL A 678 12.88 4.44 -4.23
C VAL A 678 13.53 5.69 -3.70
N ARG A 679 14.14 6.53 -4.57
CA ARG A 679 14.72 7.78 -4.08
C ARG A 679 13.64 8.73 -3.56
N PHE A 680 12.51 8.78 -4.24
CA PHE A 680 11.39 9.60 -3.80
C PHE A 680 10.84 9.12 -2.46
N LEU A 681 10.62 7.80 -2.33
CA LEU A 681 10.03 7.27 -1.09
C LEU A 681 10.98 7.42 0.08
N LEU A 682 12.28 7.15 -0.14
CA LEU A 682 13.24 7.29 0.95
C LEU A 682 13.36 8.74 1.41
N LYS A 683 13.32 9.68 0.47
CA LYS A 683 13.43 11.09 0.85
C LYS A 683 12.22 11.53 1.68
N LYS A 684 11.02 11.08 1.30
CA LYS A 684 9.84 11.40 2.10
C LYS A 684 9.93 10.75 3.49
N ALA A 685 10.38 9.49 3.55
CA ALA A 685 10.54 8.82 4.83
C ALA A 685 11.52 9.53 5.73
N LEU A 686 12.55 10.14 5.13
CA LEU A 686 13.59 10.82 5.89
C LEU A 686 13.30 12.31 6.13
N THR A 687 12.19 12.85 5.62
CA THR A 687 11.79 14.22 5.96
C THR A 687 10.45 14.31 6.66
N ASN A 688 9.79 13.18 6.92
CA ASN A 688 8.50 13.14 7.61
C ASN A 688 8.51 11.85 8.41
N GLN A 689 8.58 11.97 9.73
CA GLN A 689 8.76 10.80 10.57
C GLN A 689 7.50 9.96 10.66
N ARG A 690 6.33 10.55 10.42
CA ARG A 690 5.12 9.71 10.38
C ARG A 690 5.15 8.78 9.15
N ILE A 691 5.61 9.31 8.02
CA ILE A 691 5.83 8.45 6.86
C ILE A 691 6.97 7.48 7.13
N GLY A 692 8.07 7.97 7.73
CA GLY A 692 9.22 7.10 7.95
C GLY A 692 8.91 5.92 8.85
N HIS A 693 8.07 6.13 9.86
CA HIS A 693 7.73 5.06 10.79
C HIS A 693 7.08 3.88 10.08
N PHE A 694 6.08 4.14 9.24
CA PHE A 694 5.38 3.06 8.55
C PHE A 694 6.18 2.53 7.37
N PHE A 695 6.96 3.38 6.72
CA PHE A 695 7.96 2.92 5.73
C PHE A 695 8.85 1.84 6.35
N PHE A 696 9.41 2.14 7.53
CA PHE A 696 10.23 1.16 8.24
C PHE A 696 9.49 -0.14 8.49
N TRP A 697 8.27 -0.05 9.04
CA TRP A 697 7.57 -1.27 9.45
C TRP A 697 7.08 -2.08 8.24
N HIS A 698 6.62 -1.42 7.17
CA HIS A 698 6.23 -2.16 5.98
C HIS A 698 7.40 -2.94 5.38
N LEU A 699 8.58 -2.32 5.33
CA LEU A 699 9.78 -3.02 4.87
C LEU A 699 10.20 -4.09 5.85
N LYS A 700 10.28 -3.74 7.14
CA LYS A 700 10.74 -4.71 8.13
C LYS A 700 9.85 -5.92 8.15
N SER A 701 8.54 -5.71 8.00
CA SER A 701 7.60 -6.84 8.10
C SER A 701 7.80 -7.88 7.00
N GLU A 702 8.55 -7.58 5.95
CA GLU A 702 8.76 -8.52 4.87
C GLU A 702 10.20 -9.04 4.79
N MET A 703 11.05 -8.68 5.75
CA MET A 703 12.45 -9.08 5.67
C MET A 703 12.65 -10.59 5.72
N HIS A 704 11.59 -11.37 5.98
CA HIS A 704 11.63 -12.82 5.86
C HIS A 704 11.38 -13.32 4.44
N ASN A 705 10.80 -12.50 3.58
CA ASN A 705 10.47 -12.92 2.22
C ASN A 705 11.72 -12.78 1.36
N LYS A 706 12.20 -13.90 0.81
CA LYS A 706 13.52 -13.91 0.19
C LYS A 706 13.53 -13.34 -1.21
N THR A 707 12.37 -13.15 -1.83
CA THR A 707 12.35 -12.43 -3.10
C THR A 707 12.67 -10.94 -2.93
N VAL A 708 12.57 -10.40 -1.71
CA VAL A 708 12.75 -8.96 -1.49
C VAL A 708 13.68 -8.62 -0.35
N SER A 709 14.22 -9.58 0.39
CA SER A 709 14.90 -9.19 1.62
C SER A 709 16.23 -8.48 1.34
N GLN A 710 16.90 -8.76 0.23
CA GLN A 710 18.11 -7.99 -0.05
C GLN A 710 17.75 -6.55 -0.39
N ARG A 711 16.78 -6.36 -1.28
CA ARG A 711 16.36 -5.00 -1.63
C ARG A 711 15.87 -4.23 -0.41
N PHE A 712 15.00 -4.87 0.38
CA PHE A 712 14.41 -4.17 1.52
C PHE A 712 15.42 -3.95 2.64
N GLY A 713 16.32 -4.92 2.83
CA GLY A 713 17.35 -4.74 3.85
C GLY A 713 18.32 -3.62 3.52
N LEU A 714 18.72 -3.54 2.26
CA LEU A 714 19.59 -2.44 1.85
C LEU A 714 18.86 -1.12 1.97
N LEU A 715 17.58 -1.08 1.61
CA LEU A 715 16.83 0.17 1.75
C LEU A 715 16.69 0.55 3.22
N LEU A 716 16.37 -0.43 4.07
CA LEU A 716 16.29 -0.16 5.50
C LEU A 716 17.62 0.34 6.05
N GLU A 717 18.73 -0.27 5.60
CA GLU A 717 20.04 0.21 6.03
C GLU A 717 20.18 1.70 5.78
N SER A 718 19.82 2.14 4.57
CA SER A 718 19.99 3.54 4.22
C SER A 718 19.02 4.43 5.00
N TYR A 719 17.80 3.93 5.28
CA TYR A 719 16.88 4.67 6.14
C TYR A 719 17.45 4.81 7.55
N CYS A 720 17.96 3.71 8.10
CA CYS A 720 18.44 3.73 9.48
C CYS A 720 19.64 4.63 9.66
N ARG A 721 20.47 4.75 8.62
CA ARG A 721 21.66 5.60 8.69
C ARG A 721 21.32 7.06 8.81
N ALA A 722 20.14 7.49 8.37
CA ALA A 722 19.86 8.91 8.28
C ALA A 722 18.61 9.36 9.05
N CYS A 723 17.83 8.42 9.62
CA CYS A 723 16.57 8.83 10.23
C CYS A 723 16.76 9.59 11.53
N GLY A 724 17.96 9.59 12.09
CA GLY A 724 18.29 10.35 13.28
C GLY A 724 17.93 9.60 14.56
N MET A 725 17.48 10.37 15.55
CA MET A 725 17.19 9.79 16.85
C MET A 725 16.10 8.74 16.78
N TYR A 726 15.24 8.80 15.77
CA TYR A 726 14.15 7.85 15.73
C TYR A 726 14.64 6.40 15.61
N LEU A 727 15.84 6.15 15.06
CA LEU A 727 16.37 4.78 15.07
C LEU A 727 16.37 4.17 16.48
N LYS A 728 16.72 4.95 17.49
CA LYS A 728 16.77 4.42 18.85
C LYS A 728 15.36 4.07 19.33
N HIS A 729 14.37 4.89 18.97
CA HIS A 729 13.00 4.60 19.35
C HIS A 729 12.46 3.39 18.59
N LEU A 730 12.80 3.26 17.30
CA LEU A 730 12.42 2.06 16.56
C LEU A 730 13.02 0.81 17.20
N ASN A 731 14.26 0.91 17.70
CA ASN A 731 14.85 -0.28 18.30
C ASN A 731 14.12 -0.69 19.58
N ARG A 732 13.55 0.28 20.31
CA ARG A 732 12.70 -0.07 21.44
C ARG A 732 11.49 -0.87 20.98
N GLN A 733 10.86 -0.44 19.89
CA GLN A 733 9.70 -1.14 19.35
C GLN A 733 10.07 -2.52 18.82
N VAL A 734 11.18 -2.62 18.08
CA VAL A 734 11.64 -3.92 17.57
C VAL A 734 11.90 -4.88 18.73
N GLU A 735 12.56 -4.41 19.79
CA GLU A 735 12.84 -5.35 20.89
C GLU A 735 11.55 -5.79 21.58
N ALA A 736 10.61 -4.87 21.81
CA ALA A 736 9.35 -5.25 22.41
C ALA A 736 8.60 -6.28 21.54
N MET A 737 8.51 -6.04 20.23
CA MET A 737 7.85 -7.01 19.36
C MET A 737 8.58 -8.34 19.38
N GLU A 738 9.91 -8.31 19.43
CA GLU A 738 10.68 -9.56 19.45
C GLU A 738 10.38 -10.35 20.72
N LYS A 739 10.27 -9.67 21.86
CA LYS A 739 9.97 -10.39 23.10
C LYS A 739 8.58 -11.00 23.04
N LEU A 740 7.60 -10.27 22.47
CA LEU A 740 6.24 -10.80 22.34
C LEU A 740 6.21 -11.97 21.36
N ILE A 741 6.98 -11.89 20.29
CA ILE A 741 7.06 -13.03 19.37
C ILE A 741 7.61 -14.25 20.12
N ASN A 742 8.68 -14.06 20.90
CA ASN A 742 9.30 -15.18 21.59
C ASN A 742 8.37 -15.81 22.59
N LEU A 743 7.61 -14.98 23.33
CA LEU A 743 6.71 -15.53 24.33
C LEU A 743 5.56 -16.28 23.69
N THR A 744 4.96 -15.71 22.65
CA THR A 744 3.84 -16.40 22.01
C THR A 744 4.32 -17.66 21.28
N ASP A 745 5.54 -17.64 20.73
CA ASP A 745 6.10 -18.87 20.16
C ASP A 745 6.18 -19.98 21.20
N ILE A 746 6.67 -19.65 22.40
CA ILE A 746 6.72 -20.67 23.45
C ILE A 746 5.32 -21.20 23.75
N LEU A 747 4.33 -20.29 23.86
CA LEU A 747 2.98 -20.69 24.22
C LEU A 747 2.37 -21.64 23.20
N LYS A 748 2.74 -21.49 21.92
CA LYS A 748 2.09 -22.31 20.89
C LYS A 748 2.85 -23.57 20.59
N GLN A 749 4.02 -23.78 21.20
CA GLN A 749 4.84 -24.96 20.90
C GLN A 749 5.27 -25.74 22.12
N GLU A 750 5.32 -25.13 23.29
CA GLU A 750 5.74 -25.81 24.50
C GLU A 750 4.64 -25.90 25.56
N LYS A 751 3.69 -24.97 25.57
CA LYS A 751 2.61 -24.99 26.56
C LYS A 751 1.23 -25.00 25.93
N LYS A 752 1.13 -25.35 24.65
CA LYS A 752 -0.11 -25.19 23.90
C LYS A 752 -1.27 -26.01 24.44
N ASP A 753 -1.00 -27.08 25.19
CA ASP A 753 -2.05 -27.95 25.73
C ASP A 753 -2.37 -27.65 27.18
N GLU A 754 -1.66 -26.71 27.80
CA GLU A 754 -1.94 -26.38 29.18
C GLU A 754 -3.18 -25.49 29.24
N THR A 755 -3.82 -25.48 30.40
CA THR A 755 -4.97 -24.62 30.62
C THR A 755 -4.59 -23.16 30.49
N GLN A 756 -5.59 -22.34 30.17
CA GLN A 756 -5.41 -20.88 30.22
C GLN A 756 -4.75 -20.43 31.51
N LYS A 757 -5.28 -20.86 32.66
CA LYS A 757 -4.73 -20.45 33.94
C LYS A 757 -3.23 -20.72 33.99
N VAL A 758 -2.84 -21.96 33.64
CA VAL A 758 -1.42 -22.31 33.60
C VAL A 758 -0.68 -21.48 32.58
N GLN A 759 -1.23 -21.29 31.37
CA GLN A 759 -0.53 -20.47 30.39
C GLN A 759 -0.39 -19.04 30.88
N MET A 760 -1.41 -18.53 31.58
CA MET A 760 -1.37 -17.16 32.05
C MET A 760 -0.35 -16.99 33.17
N LYS A 761 -0.28 -17.96 34.08
CA LYS A 761 0.77 -17.95 35.09
C LYS A 761 2.14 -17.93 34.44
N PHE A 762 2.37 -18.82 33.45
CA PHE A 762 3.65 -18.80 32.75
C PHE A 762 3.91 -17.44 32.12
N LEU A 763 2.88 -16.83 31.55
CA LEU A 763 3.08 -15.58 30.82
C LEU A 763 3.45 -14.45 31.77
N VAL A 764 2.69 -14.31 32.86
CA VAL A 764 2.94 -13.25 33.82
C VAL A 764 4.32 -13.43 34.44
N GLU A 765 4.72 -14.67 34.71
CA GLU A 765 6.04 -14.91 35.27
C GLU A 765 7.14 -14.53 34.29
N GLN A 766 6.93 -14.77 32.99
CA GLN A 766 7.96 -14.41 32.02
C GLN A 766 8.00 -12.90 31.79
N MET A 767 6.85 -12.23 31.79
CA MET A 767 6.86 -10.81 31.53
C MET A 767 7.40 -10.01 32.71
N ARG A 768 7.49 -10.64 33.87
CA ARG A 768 8.00 -9.98 35.07
C ARG A 768 9.51 -10.12 35.23
N ARG A 769 10.16 -10.92 34.39
CA ARG A 769 11.62 -10.91 34.36
C ARG A 769 12.11 -9.50 34.00
N PRO A 770 13.18 -9.01 34.63
CA PRO A 770 13.48 -7.58 34.52
C PRO A 770 13.88 -7.14 33.12
N ASP A 771 14.57 -8.00 32.35
CA ASP A 771 14.91 -7.64 30.98
C ASP A 771 13.65 -7.60 30.11
N PHE A 772 12.72 -8.54 30.32
CA PHE A 772 11.46 -8.54 29.59
C PHE A 772 10.60 -7.36 29.99
N MET A 773 10.46 -7.14 31.30
CA MET A 773 9.62 -6.05 31.77
C MET A 773 10.08 -4.71 31.20
N ASP A 774 11.39 -4.50 31.15
CA ASP A 774 11.87 -3.22 30.63
C ASP A 774 11.67 -3.14 29.12
N ALA A 775 11.79 -4.24 28.40
CA ALA A 775 11.58 -4.19 26.95
C ALA A 775 10.12 -3.96 26.59
N LEU A 776 9.19 -4.35 27.46
CA LEU A 776 7.76 -4.33 27.11
C LEU A 776 7.04 -3.09 27.61
N GLN A 777 7.79 -2.11 28.11
CA GLN A 777 7.23 -0.93 28.76
C GLN A 777 7.98 0.30 28.28
N GLY A 778 7.26 1.41 28.17
CA GLY A 778 7.91 2.67 27.80
C GLY A 778 8.48 2.70 26.40
N PHE A 779 7.62 2.54 25.39
CA PHE A 779 7.98 2.67 23.98
C PHE A 779 6.76 3.18 23.20
N LEU A 780 6.97 3.53 21.94
CA LEU A 780 5.87 4.09 21.13
C LEU A 780 5.11 2.97 20.44
N SER A 781 3.78 3.13 20.33
CA SER A 781 2.96 2.12 19.67
C SER A 781 3.31 2.06 18.19
N PRO A 782 3.67 0.89 17.66
CA PRO A 782 3.86 0.78 16.20
C PRO A 782 2.60 1.03 15.42
N LEU A 783 1.42 0.88 16.04
CA LEU A 783 0.18 1.19 15.34
C LEU A 783 0.04 2.68 15.10
N ASN A 784 0.62 3.49 15.96
CA ASN A 784 0.51 4.94 15.88
C ASN A 784 1.55 5.51 16.82
N PRO A 785 2.68 5.98 16.29
CA PRO A 785 3.76 6.41 17.17
C PRO A 785 3.47 7.71 17.90
N ALA A 786 2.35 8.39 17.66
CA ALA A 786 1.94 9.46 18.57
C ALA A 786 1.46 8.93 19.92
N HIS A 787 1.21 7.62 20.05
CA HIS A 787 0.69 7.04 21.30
C HIS A 787 1.87 6.46 22.08
N GLN A 788 2.10 6.97 23.27
CA GLN A 788 3.13 6.43 24.14
C GLN A 788 2.56 5.24 24.91
N LEU A 789 3.30 4.13 24.91
CA LEU A 789 2.94 2.96 25.70
C LEU A 789 3.78 3.02 26.97
N GLY A 790 3.13 3.22 28.11
CA GLY A 790 3.81 3.35 29.39
C GLY A 790 4.00 2.01 30.09
N ASN A 791 3.73 1.95 31.38
CA ASN A 791 3.86 0.69 32.10
C ASN A 791 2.77 -0.28 31.68
N LEU A 792 3.12 -1.56 31.55
CA LEU A 792 2.10 -2.57 31.33
C LEU A 792 1.13 -2.62 32.51
N ARG A 793 -0.13 -2.95 32.22
CA ARG A 793 -1.08 -3.29 33.27
C ARG A 793 -1.26 -4.80 33.19
N LEU A 794 -0.38 -5.55 33.86
CA LEU A 794 -0.39 -7.01 33.76
C LEU A 794 -1.73 -7.60 34.16
N GLU A 795 -2.38 -7.03 35.17
CA GLU A 795 -3.67 -7.53 35.61
C GLU A 795 -4.73 -7.41 34.52
N GLU A 796 -4.52 -6.56 33.52
CA GLU A 796 -5.44 -6.45 32.40
C GLU A 796 -5.00 -7.22 31.16
N CYS A 797 -3.80 -7.79 31.15
CA CYS A 797 -3.40 -8.57 29.99
C CYS A 797 -3.93 -9.99 30.11
N ARG A 798 -4.23 -10.59 28.95
CA ARG A 798 -4.88 -11.90 28.99
C ARG A 798 -4.69 -12.58 27.64
N ILE A 799 -4.70 -13.92 27.67
CA ILE A 799 -4.70 -14.73 26.46
C ILE A 799 -6.14 -14.90 26.00
N MET A 800 -6.44 -14.48 24.77
CA MET A 800 -7.81 -14.51 24.26
C MET A 800 -8.18 -15.92 23.77
N SER A 801 -9.50 -16.15 23.64
CA SER A 801 -10.02 -17.45 23.27
C SER A 801 -9.98 -17.73 21.77
N SER A 802 -9.79 -16.71 20.94
CA SER A 802 -9.87 -16.86 19.50
C SER A 802 -8.77 -17.79 18.98
N ALA A 803 -8.86 -18.13 17.69
CA ALA A 803 -7.86 -18.98 17.07
C ALA A 803 -6.50 -18.31 17.09
N LYS A 804 -5.47 -19.14 17.22
CA LYS A 804 -4.07 -18.75 17.41
C LYS A 804 -3.83 -18.09 18.77
N ARG A 805 -4.86 -17.95 19.60
CA ARG A 805 -4.73 -17.51 20.99
C ARG A 805 -4.01 -16.16 21.14
N PRO A 806 -4.55 -15.09 20.56
CA PRO A 806 -3.82 -13.82 20.57
C PRO A 806 -3.75 -13.23 21.97
N LEU A 807 -2.81 -12.30 22.16
CA LEU A 807 -2.63 -11.66 23.45
C LEU A 807 -3.40 -10.36 23.46
N TRP A 808 -4.19 -10.16 24.50
CA TRP A 808 -4.78 -8.87 24.78
C TRP A 808 -3.84 -8.14 25.73
N LEU A 809 -3.33 -6.99 25.31
CA LEU A 809 -2.30 -6.28 26.06
C LEU A 809 -2.77 -4.88 26.41
N ASN A 810 -2.43 -4.40 27.60
CA ASN A 810 -2.91 -3.14 28.12
C ASN A 810 -1.73 -2.36 28.69
N TRP A 811 -1.49 -1.15 28.19
CA TRP A 811 -0.50 -0.24 28.74
C TRP A 811 -1.14 1.03 29.24
N GLU A 812 -0.58 1.57 30.31
CA GLU A 812 -0.91 2.93 30.70
C GLU A 812 -0.49 3.90 29.60
N ASN A 813 -1.27 4.95 29.43
CA ASN A 813 -0.86 6.07 28.59
C ASN A 813 -0.18 7.06 29.52
N PRO A 814 1.12 7.26 29.44
CA PRO A 814 1.80 8.08 30.45
C PRO A 814 1.64 9.57 30.22
N ASP A 815 0.93 9.99 29.17
CA ASP A 815 0.73 11.40 28.89
C ASP A 815 0.08 12.11 30.07
N ILE A 816 0.60 13.31 30.37
CA ILE A 816 0.16 14.03 31.57
C ILE A 816 -1.34 14.33 31.55
N MET A 817 -1.98 14.28 30.38
CA MET A 817 -3.42 14.53 30.28
C MET A 817 -4.13 13.36 29.64
N SER A 818 -3.72 12.14 29.99
CA SER A 818 -4.23 10.94 29.35
C SER A 818 -5.74 10.79 29.54
N GLU A 819 -6.25 11.25 30.68
CA GLU A 819 -7.68 11.13 30.97
C GLU A 819 -8.57 11.87 29.97
N LEU A 820 -8.02 12.78 29.16
CA LEU A 820 -8.79 13.51 28.16
C LEU A 820 -8.81 12.83 26.79
N LEU A 821 -8.01 11.79 26.61
CA LEU A 821 -8.01 11.02 25.37
C LEU A 821 -8.35 9.57 25.68
N PHE A 822 -7.43 8.80 26.28
CA PHE A 822 -7.72 7.50 26.85
C PHE A 822 -6.61 7.21 27.83
N GLN A 823 -6.97 6.62 28.97
CA GLN A 823 -5.95 6.35 29.99
C GLN A 823 -5.23 5.02 29.78
N ASN A 824 -5.78 4.13 28.96
CA ASN A 824 -5.10 2.87 28.70
C ASN A 824 -5.17 2.56 27.21
N ASN A 825 -4.08 2.02 26.69
CA ASN A 825 -3.93 1.66 25.28
C ASN A 825 -4.07 0.14 25.17
N GLU A 826 -5.14 -0.33 24.56
CA GLU A 826 -5.39 -1.76 24.44
C GLU A 826 -5.08 -2.22 23.02
N ILE A 827 -4.21 -3.21 22.90
CA ILE A 827 -3.72 -3.69 21.62
C ILE A 827 -3.76 -5.21 21.65
N ILE A 828 -4.19 -5.81 20.55
CA ILE A 828 -4.17 -7.26 20.41
C ILE A 828 -2.93 -7.63 19.61
N PHE A 829 -2.15 -8.58 20.12
CA PHE A 829 -0.94 -9.05 19.46
C PHE A 829 -1.23 -10.47 18.97
N LYS A 830 -1.18 -10.70 17.67
CA LYS A 830 -1.61 -11.96 17.09
C LYS A 830 -0.46 -12.59 16.32
N ASN A 831 -0.12 -13.83 16.69
CA ASN A 831 1.04 -14.52 16.13
C ASN A 831 0.53 -15.81 15.50
N GLY A 832 0.48 -15.86 14.16
CA GLY A 832 0.07 -17.10 13.53
C GLY A 832 -0.73 -17.00 12.24
N ASP A 833 -1.52 -15.95 12.09
CA ASP A 833 -2.30 -15.72 10.88
C ASP A 833 -1.78 -14.50 10.13
N ASP A 834 -1.90 -14.54 8.81
CA ASP A 834 -1.47 -13.41 7.98
C ASP A 834 -2.44 -12.25 8.16
N LEU A 835 -1.93 -11.08 8.49
CA LEU A 835 -2.78 -9.92 8.69
C LEU A 835 -2.77 -8.96 7.52
N ARG A 836 -2.10 -9.30 6.43
CA ARG A 836 -1.96 -8.32 5.35
C ARG A 836 -3.28 -8.05 4.64
N GLN A 837 -4.12 -9.07 4.48
CA GLN A 837 -5.41 -8.83 3.86
C GLN A 837 -6.31 -7.96 4.74
N ASP A 838 -6.29 -8.18 6.06
CA ASP A 838 -7.02 -7.26 6.93
C ASP A 838 -6.49 -5.84 6.79
N MET A 839 -5.15 -5.69 6.75
N MET A 839 -5.15 -5.68 6.76
CA MET A 839 -4.55 -4.37 6.57
CA MET A 839 -4.58 -4.35 6.55
C MET A 839 -5.09 -3.68 5.31
C MET A 839 -5.16 -3.69 5.31
N LEU A 840 -5.13 -4.40 4.19
CA LEU A 840 -5.62 -3.83 2.93
C LEU A 840 -7.12 -3.52 2.98
N THR A 841 -7.91 -4.42 3.57
CA THR A 841 -9.36 -4.15 3.62
C THR A 841 -9.66 -2.95 4.48
N LEU A 842 -8.94 -2.80 5.61
CA LEU A 842 -9.18 -1.65 6.47
C LEU A 842 -8.76 -0.37 5.79
N GLN A 843 -7.67 -0.42 5.02
CA GLN A 843 -7.29 0.74 4.24
C GLN A 843 -8.36 1.10 3.22
N ILE A 844 -8.88 0.11 2.51
CA ILE A 844 -9.89 0.41 1.49
C ILE A 844 -11.15 0.95 2.15
N ILE A 845 -11.56 0.35 3.26
CA ILE A 845 -12.73 0.87 4.00
C ILE A 845 -12.55 2.34 4.34
N ARG A 846 -11.35 2.73 4.80
CA ARG A 846 -11.12 4.13 5.13
C ARG A 846 -11.26 5.02 3.88
N ILE A 847 -10.74 4.56 2.74
CA ILE A 847 -10.84 5.32 1.50
C ILE A 847 -12.30 5.47 1.06
N MET A 848 -13.06 4.37 1.09
CA MET A 848 -14.50 4.43 0.83
C MET A 848 -15.21 5.42 1.75
N GLU A 849 -14.98 5.31 3.06
CA GLU A 849 -15.61 6.23 4.00
C GLU A 849 -15.27 7.66 3.64
N ASN A 850 -14.00 7.90 3.27
CA ASN A 850 -13.56 9.23 2.87
C ASN A 850 -14.30 9.72 1.64
N ILE A 851 -14.45 8.85 0.63
CA ILE A 851 -15.22 9.21 -0.56
C ILE A 851 -16.64 9.61 -0.18
N TRP A 852 -17.28 8.82 0.69
CA TRP A 852 -18.68 9.09 1.02
C TRP A 852 -18.83 10.42 1.74
N GLN A 853 -17.99 10.67 2.74
CA GLN A 853 -18.07 11.91 3.49
C GLN A 853 -17.92 13.12 2.57
N ASN A 854 -16.90 13.12 1.71
CA ASN A 854 -16.67 14.25 0.80
C ASN A 854 -17.91 14.54 -0.04
N GLN A 855 -18.62 13.51 -0.48
CA GLN A 855 -19.87 13.69 -1.20
C GLN A 855 -21.05 14.03 -0.30
N GLY A 856 -20.82 14.24 0.99
CA GLY A 856 -21.92 14.50 1.90
C GLY A 856 -22.80 13.30 2.18
N LEU A 857 -22.24 12.09 2.11
CA LEU A 857 -22.95 10.86 2.46
C LEU A 857 -22.32 10.34 3.76
N ASP A 858 -22.97 10.64 4.88
CA ASP A 858 -22.36 10.45 6.18
C ASP A 858 -22.59 9.02 6.67
N LEU A 859 -21.74 8.11 6.24
CA LEU A 859 -21.82 6.69 6.62
C LEU A 859 -20.57 6.37 7.44
N ARG A 860 -20.71 6.31 8.75
CA ARG A 860 -19.55 6.19 9.61
C ARG A 860 -19.03 4.75 9.59
N MET A 861 -17.79 4.57 9.15
CA MET A 861 -17.11 3.29 9.18
C MET A 861 -16.12 3.28 10.35
N LEU A 862 -15.55 2.11 10.61
CA LEU A 862 -14.57 1.96 11.69
C LEU A 862 -13.35 1.21 11.16
N PRO A 863 -12.46 1.90 10.44
CA PRO A 863 -11.19 1.28 10.00
C PRO A 863 -10.15 1.33 11.12
N TYR A 864 -10.28 0.41 12.08
CA TYR A 864 -9.36 0.36 13.21
C TYR A 864 -7.95 -0.02 12.73
N GLY A 865 -6.97 0.30 13.55
CA GLY A 865 -5.60 0.06 13.17
C GLY A 865 -5.26 -1.43 13.12
N CYS A 866 -4.40 -1.77 12.16
CA CYS A 866 -3.94 -3.14 11.98
C CYS A 866 -2.59 -3.06 11.30
N LEU A 867 -1.55 -3.65 11.89
CA LEU A 867 -0.22 -3.58 11.29
C LEU A 867 0.45 -4.94 11.34
N SER A 868 0.77 -5.48 10.16
CA SER A 868 1.64 -6.65 10.03
C SER A 868 3.06 -6.23 10.33
N ILE A 869 3.71 -6.88 11.29
CA ILE A 869 5.08 -6.55 11.65
C ILE A 869 6.05 -7.64 11.29
N GLY A 870 5.59 -8.76 10.73
CA GLY A 870 6.48 -9.88 10.46
C GLY A 870 5.72 -10.96 9.73
N ASP A 871 6.33 -12.14 9.65
CA ASP A 871 5.75 -13.33 9.03
C ASP A 871 4.55 -13.79 9.85
N CYS A 872 3.35 -13.49 9.39
CA CYS A 872 2.12 -13.85 10.11
C CYS A 872 2.14 -13.39 11.56
N VAL A 873 2.56 -12.13 11.77
CA VAL A 873 2.64 -11.54 13.11
C VAL A 873 2.18 -10.11 12.99
N GLY A 874 1.37 -9.65 13.95
CA GLY A 874 0.89 -8.28 13.81
C GLY A 874 0.08 -7.80 15.00
N LEU A 875 -0.31 -6.53 14.92
CA LEU A 875 -1.01 -5.82 15.97
C LEU A 875 -2.37 -5.33 15.48
N ILE A 876 -3.33 -5.32 16.38
CA ILE A 876 -4.69 -4.88 16.10
C ILE A 876 -5.15 -3.91 17.17
N GLU A 877 -5.67 -2.76 16.73
CA GLU A 877 -6.19 -1.78 17.67
C GLU A 877 -7.51 -2.27 18.27
N VAL A 878 -7.64 -2.19 19.59
CA VAL A 878 -8.89 -2.57 20.25
C VAL A 878 -9.85 -1.39 20.21
N VAL A 879 -11.08 -1.63 19.73
CA VAL A 879 -12.15 -0.65 19.85
C VAL A 879 -12.81 -0.83 21.22
N ARG A 880 -12.57 0.11 22.12
CA ARG A 880 -13.03 -0.04 23.50
C ARG A 880 -14.55 -0.01 23.56
N ASN A 881 -15.13 -0.80 24.47
CA ASN A 881 -16.57 -0.79 24.70
C ASN A 881 -17.36 -1.16 23.44
N SER A 882 -17.00 -2.28 22.84
CA SER A 882 -17.76 -2.85 21.74
C SER A 882 -17.95 -4.33 22.01
N HIS A 883 -18.99 -4.88 21.42
CA HIS A 883 -19.36 -6.27 21.67
C HIS A 883 -19.76 -6.90 20.35
N THR A 884 -19.55 -8.19 20.25
CA THR A 884 -20.04 -8.89 19.09
C THR A 884 -21.56 -9.02 19.19
N ILE A 885 -22.20 -9.22 18.05
CA ILE A 885 -23.64 -9.47 18.05
C ILE A 885 -23.95 -10.62 18.98
N MET A 886 -23.09 -11.63 18.96
CA MET A 886 -23.34 -12.84 19.74
C MET A 886 -23.25 -12.55 21.23
N GLN A 887 -22.21 -11.84 21.67
CA GLN A 887 -22.13 -11.43 23.07
C GLN A 887 -23.41 -10.75 23.50
N ILE A 888 -23.97 -9.92 22.61
CA ILE A 888 -25.17 -9.17 22.93
C ILE A 888 -26.35 -10.11 23.14
N GLN A 889 -26.59 -10.99 22.17
CA GLN A 889 -27.74 -11.89 22.28
C GLN A 889 -27.42 -13.13 23.13
N CYS A 890 -26.48 -12.99 24.08
CA CYS A 890 -26.30 -13.98 25.12
C CYS A 890 -26.41 -13.38 26.53
N LYS A 891 -26.56 -12.06 26.64
CA LYS A 891 -26.84 -11.38 27.90
C LYS A 891 -25.93 -11.80 29.05
N PHE A 900 -32.62 -16.16 23.42
CA PHE A 900 -32.62 -14.81 22.87
C PHE A 900 -33.58 -14.66 21.69
N ASN A 901 -34.15 -13.47 21.59
CA ASN A 901 -35.16 -13.12 20.61
C ASN A 901 -34.53 -12.35 19.45
N SER A 902 -35.23 -12.33 18.32
CA SER A 902 -34.80 -11.49 17.21
C SER A 902 -34.91 -10.01 17.52
N HIS A 903 -35.56 -9.64 18.63
CA HIS A 903 -35.64 -8.25 19.08
C HIS A 903 -34.55 -7.90 20.08
N THR A 904 -33.69 -8.85 20.45
CA THR A 904 -32.74 -8.61 21.53
C THR A 904 -31.74 -7.51 21.19
N LEU A 905 -31.29 -7.45 19.94
CA LEU A 905 -30.33 -6.43 19.56
C LEU A 905 -30.93 -5.03 19.72
N HIS A 906 -32.11 -4.80 19.14
CA HIS A 906 -32.78 -3.52 19.32
C HIS A 906 -32.98 -3.21 20.80
N GLN A 907 -33.44 -4.19 21.57
CA GLN A 907 -33.65 -3.99 23.00
C GLN A 907 -32.36 -3.59 23.69
N TRP A 908 -31.24 -4.24 23.36
CA TRP A 908 -29.96 -3.87 23.93
C TRP A 908 -29.58 -2.44 23.57
N LEU A 909 -29.79 -2.05 22.32
CA LEU A 909 -29.46 -0.70 21.89
C LEU A 909 -30.32 0.33 22.60
N LYS A 910 -31.62 0.08 22.70
CA LYS A 910 -32.52 1.04 23.34
C LYS A 910 -32.13 1.27 24.79
N ASP A 911 -31.73 0.20 25.50
CA ASP A 911 -31.33 0.33 26.89
C ASP A 911 -30.00 1.06 27.02
N LYS A 912 -29.14 0.99 26.00
CA LYS A 912 -27.90 1.77 26.02
C LYS A 912 -28.10 3.23 25.65
N ASN A 913 -29.25 3.59 25.06
CA ASN A 913 -29.48 4.95 24.58
C ASN A 913 -30.91 5.37 24.92
N LYS A 914 -31.22 5.37 26.22
CA LYS A 914 -32.55 5.77 26.66
C LYS A 914 -32.70 7.28 26.59
N GLY A 915 -33.90 7.73 26.22
CA GLY A 915 -34.22 9.14 26.26
C GLY A 915 -34.16 9.80 24.90
N GLU A 916 -33.81 11.09 24.88
CA GLU A 916 -33.77 11.84 23.62
C GLU A 916 -32.67 11.36 22.68
N ILE A 917 -31.70 10.57 23.15
CA ILE A 917 -30.60 10.14 22.30
C ILE A 917 -30.86 8.82 21.58
N TYR A 918 -32.01 8.18 21.83
CA TYR A 918 -32.32 6.93 21.16
C TYR A 918 -32.31 7.08 19.63
N ASP A 919 -32.86 8.18 19.11
CA ASP A 919 -32.95 8.36 17.67
C ASP A 919 -31.58 8.45 17.03
N ALA A 920 -30.62 9.11 17.72
CA ALA A 920 -29.27 9.21 17.18
C ALA A 920 -28.61 7.85 17.09
N ALA A 921 -28.92 6.95 18.02
CA ALA A 921 -28.28 5.63 18.00
C ALA A 921 -28.86 4.78 16.88
N ILE A 922 -30.17 4.86 16.67
CA ILE A 922 -30.76 4.15 15.54
C ILE A 922 -30.18 4.68 14.24
N ASP A 923 -30.02 6.00 14.13
CA ASP A 923 -29.52 6.57 12.89
C ASP A 923 -28.07 6.17 12.64
N LEU A 924 -27.25 6.18 13.67
CA LEU A 924 -25.86 5.80 13.50
C LEU A 924 -25.74 4.32 13.14
N PHE A 925 -26.57 3.47 13.76
CA PHE A 925 -26.59 2.05 13.41
C PHE A 925 -27.02 1.86 11.95
N THR A 926 -28.04 2.60 11.51
CA THR A 926 -28.52 2.47 10.14
C THR A 926 -27.45 2.87 9.13
N ARG A 927 -26.77 4.00 9.38
CA ARG A 927 -25.78 4.46 8.43
C ARG A 927 -24.56 3.55 8.42
N SER A 928 -24.09 3.16 9.60
CA SER A 928 -22.96 2.23 9.67
C SER A 928 -23.31 0.87 9.04
N CYS A 929 -24.54 0.38 9.26
CA CYS A 929 -24.98 -0.81 8.52
C CYS A 929 -24.90 -0.61 7.01
N ALA A 930 -25.39 0.53 6.50
CA ALA A 930 -25.42 0.74 5.07
C ALA A 930 -24.01 0.75 4.48
N GLY A 931 -23.08 1.41 5.17
CA GLY A 931 -21.71 1.42 4.70
C GLY A 931 -21.10 0.03 4.61
N TYR A 932 -21.28 -0.76 5.67
CA TYR A 932 -20.69 -2.11 5.68
C TYR A 932 -21.41 -3.06 4.73
N CYS A 933 -22.72 -2.93 4.57
CA CYS A 933 -23.41 -3.74 3.56
C CYS A 933 -22.78 -3.53 2.18
N VAL A 934 -22.61 -2.26 1.80
CA VAL A 934 -22.09 -1.92 0.48
C VAL A 934 -20.61 -2.28 0.37
N ALA A 935 -19.81 -1.92 1.38
CA ALA A 935 -18.38 -2.19 1.30
C ALA A 935 -18.12 -3.69 1.21
N THR A 936 -18.77 -4.49 2.04
CA THR A 936 -18.48 -5.92 2.05
C THR A 936 -19.00 -6.59 0.79
N PHE A 937 -20.13 -6.12 0.24
CA PHE A 937 -20.58 -6.67 -1.05
C PHE A 937 -19.57 -6.39 -2.17
N ILE A 938 -19.07 -5.15 -2.24
CA ILE A 938 -18.16 -4.79 -3.31
C ILE A 938 -16.89 -5.63 -3.26
N LEU A 939 -16.33 -5.80 -2.07
CA LEU A 939 -15.02 -6.44 -1.89
C LEU A 939 -15.09 -7.96 -1.77
N GLY A 940 -16.27 -8.56 -1.64
CA GLY A 940 -16.33 -10.01 -1.51
C GLY A 940 -15.69 -10.55 -0.25
N ILE A 941 -15.79 -9.80 0.85
CA ILE A 941 -15.24 -10.17 2.15
C ILE A 941 -15.82 -11.48 2.67
N GLY A 942 -15.04 -12.18 3.50
CA GLY A 942 -15.52 -13.40 4.15
C GLY A 942 -16.88 -13.31 4.84
N ASP A 943 -17.62 -14.42 4.82
CA ASP A 943 -19.01 -14.40 5.29
C ASP A 943 -19.11 -13.86 6.71
N ARG A 944 -20.07 -12.97 6.91
CA ARG A 944 -20.30 -12.41 8.23
C ARG A 944 -21.09 -13.38 9.08
N HIS A 945 -20.78 -13.38 10.38
CA HIS A 945 -21.60 -14.07 11.36
C HIS A 945 -21.57 -13.24 12.63
N ASN A 946 -22.29 -13.71 13.66
CA ASN A 946 -22.49 -12.86 14.81
C ASN A 946 -21.25 -12.72 15.68
N SER A 947 -20.14 -13.35 15.32
CA SER A 947 -18.88 -13.19 16.03
C SER A 947 -17.87 -12.33 15.28
N ASN A 948 -18.17 -11.90 14.05
CA ASN A 948 -17.28 -10.98 13.38
C ASN A 948 -17.99 -9.69 12.97
N ILE A 949 -19.17 -9.44 13.51
CA ILE A 949 -19.82 -8.14 13.47
C ILE A 949 -19.86 -7.63 14.90
N MET A 950 -19.47 -6.37 15.10
CA MET A 950 -19.46 -5.80 16.45
C MET A 950 -20.25 -4.50 16.45
N VAL A 951 -20.71 -4.10 17.65
CA VAL A 951 -21.45 -2.85 17.85
C VAL A 951 -20.93 -2.13 19.08
N LYS A 952 -20.74 -0.81 18.97
CA LYS A 952 -20.46 0.03 20.13
C LYS A 952 -21.74 0.38 20.86
N ASP A 953 -21.57 0.90 22.09
CA ASP A 953 -22.72 1.27 22.90
C ASP A 953 -23.61 2.29 22.21
N ASP A 954 -23.01 3.20 21.44
CA ASP A 954 -23.75 4.29 20.82
C ASP A 954 -24.41 3.90 19.51
N GLY A 955 -24.36 2.62 19.14
CA GLY A 955 -25.03 2.15 17.94
C GLY A 955 -24.13 1.95 16.72
N GLN A 956 -22.86 2.32 16.78
CA GLN A 956 -21.99 2.18 15.61
C GLN A 956 -21.68 0.70 15.36
N LEU A 957 -22.07 0.21 14.20
CA LEU A 957 -21.82 -1.18 13.81
C LEU A 957 -20.55 -1.22 12.97
N PHE A 958 -19.77 -2.29 13.12
CA PHE A 958 -18.58 -2.45 12.28
C PHE A 958 -18.24 -3.94 12.21
N HIS A 959 -17.38 -4.28 11.24
CA HIS A 959 -16.96 -5.66 11.02
C HIS A 959 -15.52 -5.84 11.44
N ILE A 960 -15.18 -7.08 11.81
CA ILE A 960 -13.80 -7.46 12.10
C ILE A 960 -13.46 -8.72 11.33
N ASP A 961 -12.15 -8.97 11.23
CA ASP A 961 -11.62 -10.24 10.74
C ASP A 961 -11.90 -10.39 9.24
N PHE A 962 -11.10 -9.71 8.42
CA PHE A 962 -11.23 -9.72 6.96
C PHE A 962 -10.18 -10.62 6.30
N GLY A 963 -10.06 -11.86 6.75
CA GLY A 963 -9.03 -12.71 6.20
C GLY A 963 -9.27 -13.18 4.79
N HIS A 964 -10.44 -12.86 4.21
CA HIS A 964 -10.76 -13.26 2.84
C HIS A 964 -11.44 -12.11 2.11
N PHE A 965 -11.14 -11.96 0.82
CA PHE A 965 -11.83 -10.98 0.00
C PHE A 965 -11.80 -11.46 -1.45
N LEU A 966 -12.45 -10.67 -2.31
CA LEU A 966 -12.52 -10.94 -3.75
C LEU A 966 -13.13 -12.34 -3.97
N ASP A 967 -12.73 -12.99 -5.05
CA ASP A 967 -13.40 -14.20 -5.51
C ASP A 967 -12.88 -15.44 -4.78
N HIS A 968 -12.90 -15.41 -3.45
CA HIS A 968 -12.36 -16.56 -2.72
C HIS A 968 -13.30 -17.76 -2.72
N LYS A 969 -14.45 -17.70 -3.41
CA LYS A 969 -15.29 -18.87 -3.63
C LYS A 969 -14.95 -19.53 -4.97
N ARG A 977 -22.93 -15.73 -9.01
CA ARG A 977 -21.61 -16.18 -8.55
C ARG A 977 -20.88 -15.09 -7.72
N GLU A 978 -21.57 -13.99 -7.41
CA GLU A 978 -21.08 -13.01 -6.45
C GLU A 978 -21.84 -13.17 -5.14
N ARG A 979 -21.11 -13.31 -4.05
CA ARG A 979 -21.74 -13.53 -2.75
C ARG A 979 -22.15 -12.19 -2.12
N VAL A 980 -23.10 -12.27 -1.20
CA VAL A 980 -23.45 -11.16 -0.33
C VAL A 980 -23.04 -11.55 1.09
N PRO A 981 -21.86 -11.11 1.53
CA PRO A 981 -21.32 -11.58 2.82
C PRO A 981 -22.09 -11.08 4.03
N PHE A 982 -22.73 -9.93 3.92
CA PHE A 982 -23.42 -9.31 5.05
C PHE A 982 -24.92 -9.32 4.73
N VAL A 983 -25.57 -10.41 5.10
CA VAL A 983 -27.01 -10.55 4.96
C VAL A 983 -27.65 -9.97 6.21
N LEU A 984 -28.53 -9.00 6.04
CA LEU A 984 -29.17 -8.34 7.17
C LEU A 984 -30.32 -9.22 7.67
N THR A 985 -30.05 -10.00 8.70
CA THR A 985 -31.11 -10.80 9.32
C THR A 985 -32.12 -9.89 10.01
N GLN A 986 -33.15 -10.51 10.57
CA GLN A 986 -34.26 -9.77 11.17
C GLN A 986 -33.78 -8.83 12.27
N ASP A 987 -32.81 -9.28 13.06
CA ASP A 987 -32.27 -8.47 14.15
C ASP A 987 -31.83 -7.10 13.66
N PHE A 988 -31.13 -7.05 12.53
CA PHE A 988 -30.65 -5.77 12.04
C PHE A 988 -31.79 -4.92 11.49
N LEU A 989 -32.71 -5.55 10.75
CA LEU A 989 -33.87 -4.83 10.23
C LEU A 989 -34.73 -4.27 11.35
N ILE A 990 -34.85 -5.01 12.46
CA ILE A 990 -35.68 -4.56 13.57
C ILE A 990 -35.12 -3.28 14.17
N VAL A 991 -33.80 -3.21 14.35
CA VAL A 991 -33.18 -1.98 14.81
C VAL A 991 -33.46 -0.85 13.83
N ILE A 992 -33.18 -1.09 12.55
CA ILE A 992 -33.36 -0.05 11.54
C ILE A 992 -34.78 0.49 11.56
N SER A 993 -35.77 -0.39 11.65
CA SER A 993 -37.17 0.02 11.66
C SER A 993 -37.68 0.33 13.07
N LYS A 994 -36.78 0.53 14.03
CA LYS A 994 -37.13 0.99 15.38
C LYS A 994 -38.09 0.05 16.09
N GLY A 995 -37.95 -1.26 15.85
CA GLY A 995 -38.75 -2.24 16.53
C GLY A 995 -40.06 -2.62 15.86
N ALA A 996 -40.32 -2.14 14.64
CA ALA A 996 -41.54 -2.55 13.96
C ALA A 996 -41.46 -4.02 13.56
N GLN A 997 -42.58 -4.73 13.70
CA GLN A 997 -42.60 -6.13 13.31
C GLN A 997 -42.32 -6.30 11.82
N GLU A 998 -43.11 -5.65 10.97
CA GLU A 998 -42.91 -5.71 9.52
C GLU A 998 -41.84 -4.70 9.11
N CYS A 999 -40.60 -5.04 9.46
CA CYS A 999 -39.50 -4.08 9.30
C CYS A 999 -39.12 -3.88 7.84
N THR A 1000 -39.36 -4.87 6.99
CA THR A 1000 -38.98 -4.73 5.59
C THR A 1000 -39.88 -3.75 4.84
N LYS A 1001 -41.08 -3.49 5.35
CA LYS A 1001 -42.02 -2.59 4.67
C LYS A 1001 -42.26 -1.33 5.49
N THR A 1002 -41.19 -0.61 5.81
CA THR A 1002 -41.26 0.66 6.53
C THR A 1002 -40.48 1.72 5.74
N ARG A 1003 -40.74 2.98 6.07
CA ARG A 1003 -39.98 4.04 5.41
C ARG A 1003 -38.57 4.15 5.97
N GLU A 1004 -38.34 3.69 7.21
CA GLU A 1004 -36.97 3.53 7.70
C GLU A 1004 -36.17 2.65 6.77
N PHE A 1005 -36.75 1.51 6.38
CA PHE A 1005 -36.01 0.59 5.52
C PHE A 1005 -35.80 1.19 4.15
N GLU A 1006 -36.77 1.97 3.66
CA GLU A 1006 -36.62 2.60 2.35
C GLU A 1006 -35.49 3.62 2.34
N ARG A 1007 -35.39 4.44 3.39
CA ARG A 1007 -34.27 5.37 3.49
C ARG A 1007 -32.95 4.62 3.67
N PHE A 1008 -33.00 3.48 4.35
CA PHE A 1008 -31.79 2.66 4.45
C PHE A 1008 -31.34 2.20 3.08
N GLN A 1009 -32.26 1.65 2.29
CA GLN A 1009 -31.93 1.22 0.94
C GLN A 1009 -31.34 2.38 0.13
N GLU A 1010 -31.93 3.57 0.24
CA GLU A 1010 -31.42 4.71 -0.52
C GLU A 1010 -29.97 5.03 -0.16
N MET A 1011 -29.61 4.91 1.13
CA MET A 1011 -28.21 5.11 1.52
C MET A 1011 -27.30 4.10 0.83
N CYS A 1012 -27.73 2.83 0.79
CA CYS A 1012 -26.96 1.78 0.14
C CYS A 1012 -26.75 2.10 -1.33
N TYR A 1013 -27.83 2.49 -2.02
CA TYR A 1013 -27.73 2.79 -3.44
C TYR A 1013 -26.77 3.95 -3.68
N LYS A 1014 -26.89 5.02 -2.90
CA LYS A 1014 -25.99 6.16 -3.06
C LYS A 1014 -24.56 5.76 -2.76
N ALA A 1015 -24.35 4.94 -1.72
CA ALA A 1015 -23.00 4.51 -1.38
C ALA A 1015 -22.42 3.66 -2.50
N TYR A 1016 -23.23 2.77 -3.05
CA TYR A 1016 -22.77 1.87 -4.09
C TYR A 1016 -22.36 2.63 -5.35
N LEU A 1017 -23.21 3.54 -5.82
CA LEU A 1017 -22.90 4.30 -7.02
C LEU A 1017 -21.71 5.22 -6.81
N ALA A 1018 -21.53 5.73 -5.59
CA ALA A 1018 -20.35 6.55 -5.30
C ALA A 1018 -19.07 5.75 -5.48
N ILE A 1019 -19.03 4.50 -5.02
CA ILE A 1019 -17.80 3.74 -5.17
C ILE A 1019 -17.58 3.41 -6.63
N ARG A 1020 -18.66 3.11 -7.35
CA ARG A 1020 -18.55 2.83 -8.78
C ARG A 1020 -17.91 3.99 -9.54
N GLN A 1021 -18.23 5.23 -9.16
CA GLN A 1021 -17.62 6.39 -9.80
C GLN A 1021 -16.12 6.43 -9.60
N HIS A 1022 -15.60 5.82 -8.52
CA HIS A 1022 -14.17 5.80 -8.23
C HIS A 1022 -13.56 4.41 -8.46
N ALA A 1023 -14.10 3.63 -9.40
CA ALA A 1023 -13.67 2.25 -9.53
C ALA A 1023 -12.20 2.16 -9.95
N ASN A 1024 -11.73 3.09 -10.79
CA ASN A 1024 -10.33 3.02 -11.22
C ASN A 1024 -9.39 3.07 -10.03
N LEU A 1025 -9.68 3.94 -9.07
CA LEU A 1025 -8.86 4.00 -7.87
C LEU A 1025 -8.75 2.64 -7.21
N PHE A 1026 -9.88 2.00 -6.93
CA PHE A 1026 -9.83 0.74 -6.20
C PHE A 1026 -9.19 -0.36 -7.02
N ILE A 1027 -9.46 -0.39 -8.34
CA ILE A 1027 -8.81 -1.35 -9.20
C ILE A 1027 -7.30 -1.17 -9.16
N ASN A 1028 -6.83 0.08 -9.22
CA ASN A 1028 -5.39 0.32 -9.25
C ASN A 1028 -4.75 -0.03 -7.90
N LEU A 1029 -5.44 0.25 -6.80
CA LEU A 1029 -4.89 -0.09 -5.49
C LEU A 1029 -4.72 -1.60 -5.34
N PHE A 1030 -5.70 -2.38 -5.80
CA PHE A 1030 -5.52 -3.83 -5.84
C PHE A 1030 -4.41 -4.24 -6.79
N SER A 1031 -4.36 -3.67 -8.01
CA SER A 1031 -3.32 -4.06 -8.96
C SER A 1031 -1.93 -3.83 -8.38
N MET A 1032 -1.75 -2.74 -7.64
CA MET A 1032 -0.46 -2.47 -7.02
C MET A 1032 -0.07 -3.49 -5.96
N MET A 1033 -1.00 -4.32 -5.47
CA MET A 1033 -0.70 -5.31 -4.45
C MET A 1033 -0.48 -6.71 -5.02
N LEU A 1034 -0.46 -6.87 -6.36
CA LEU A 1034 -0.40 -8.19 -6.97
C LEU A 1034 0.89 -8.93 -6.66
N GLY A 1035 1.97 -8.23 -6.44
CA GLY A 1035 3.23 -8.91 -6.23
C GLY A 1035 3.50 -9.33 -4.82
N SER A 1036 2.61 -8.98 -3.89
CA SER A 1036 2.67 -9.49 -2.54
C SER A 1036 2.39 -10.99 -2.53
N GLY A 1037 2.61 -11.60 -1.39
CA GLY A 1037 2.29 -13.01 -1.35
C GLY A 1037 0.85 -13.32 -1.03
N MET A 1038 -0.06 -12.35 -1.09
CA MET A 1038 -1.42 -12.58 -0.61
C MET A 1038 -2.14 -13.60 -1.48
N PRO A 1039 -2.64 -14.70 -0.91
CA PRO A 1039 -3.16 -15.79 -1.75
C PRO A 1039 -4.45 -15.46 -2.48
N GLU A 1040 -5.28 -14.58 -1.94
CA GLU A 1040 -6.53 -14.16 -2.58
C GLU A 1040 -6.33 -13.15 -3.71
N LEU A 1041 -5.07 -12.74 -3.99
CA LEU A 1041 -4.79 -11.60 -4.87
C LEU A 1041 -3.54 -11.94 -5.68
N GLN A 1042 -3.69 -12.81 -6.67
CA GLN A 1042 -2.55 -13.38 -7.36
C GLN A 1042 -2.46 -13.00 -8.82
N SER A 1043 -3.58 -12.76 -9.46
CA SER A 1043 -3.62 -12.43 -10.88
C SER A 1043 -4.61 -11.30 -11.06
N PHE A 1044 -4.59 -10.73 -12.27
CA PHE A 1044 -5.60 -9.72 -12.57
C PHE A 1044 -7.00 -10.29 -12.56
N ASP A 1045 -7.16 -11.60 -12.73
CA ASP A 1045 -8.52 -12.15 -12.72
C ASP A 1045 -9.11 -12.19 -11.32
N ASP A 1046 -8.28 -12.25 -10.28
CA ASP A 1046 -8.79 -11.99 -8.94
C ASP A 1046 -9.38 -10.59 -8.82
N ILE A 1047 -8.71 -9.59 -9.42
CA ILE A 1047 -9.23 -8.23 -9.30
C ILE A 1047 -10.51 -8.06 -10.13
N ALA A 1048 -10.69 -8.88 -11.18
CA ALA A 1048 -11.88 -8.84 -12.01
C ALA A 1048 -13.17 -8.97 -11.21
N TYR A 1049 -13.10 -9.63 -10.04
CA TYR A 1049 -14.27 -9.72 -9.17
C TYR A 1049 -14.86 -8.35 -8.87
N ILE A 1050 -14.00 -7.34 -8.66
CA ILE A 1050 -14.45 -5.97 -8.41
C ILE A 1050 -15.15 -5.41 -9.63
N ARG A 1051 -14.69 -5.75 -10.84
CA ARG A 1051 -15.43 -5.36 -12.04
C ARG A 1051 -16.83 -5.94 -12.06
N LYS A 1052 -17.02 -7.11 -11.45
CA LYS A 1052 -18.35 -7.73 -11.46
C LYS A 1052 -19.27 -7.08 -10.46
N THR A 1053 -18.80 -6.91 -9.21
CA THR A 1053 -19.66 -6.36 -8.18
C THR A 1053 -19.99 -4.90 -8.44
N LEU A 1054 -19.08 -4.15 -9.07
CA LEU A 1054 -19.37 -2.79 -9.46
C LEU A 1054 -20.05 -2.69 -10.82
N ALA A 1055 -20.23 -3.82 -11.52
CA ALA A 1055 -20.99 -3.84 -12.77
C ALA A 1055 -20.48 -2.80 -13.75
N LEU A 1056 -19.15 -2.80 -13.96
CA LEU A 1056 -18.53 -1.74 -14.75
C LEU A 1056 -18.92 -1.80 -16.22
N ASP A 1057 -19.17 -3.00 -16.76
CA ASP A 1057 -19.58 -3.11 -18.17
C ASP A 1057 -21.04 -2.76 -18.39
N LYS A 1058 -21.82 -2.53 -17.34
CA LYS A 1058 -23.22 -2.14 -17.49
C LYS A 1058 -23.37 -0.62 -17.48
N THR A 1059 -24.57 -0.16 -17.78
CA THR A 1059 -24.88 1.23 -17.49
C THR A 1059 -25.10 1.41 -15.99
N GLU A 1060 -25.17 2.67 -15.56
CA GLU A 1060 -25.36 2.97 -14.15
C GLU A 1060 -26.70 2.46 -13.65
N GLN A 1061 -27.78 2.73 -14.37
CA GLN A 1061 -29.07 2.21 -13.96
C GLN A 1061 -29.11 0.69 -14.02
N GLU A 1062 -28.35 0.10 -14.96
CA GLU A 1062 -28.24 -1.35 -14.93
C GLU A 1062 -27.41 -1.81 -13.74
N ALA A 1063 -26.44 -1.00 -13.31
CA ALA A 1063 -25.64 -1.35 -12.14
C ALA A 1063 -26.49 -1.34 -10.87
N LEU A 1064 -27.32 -0.30 -10.70
CA LEU A 1064 -28.26 -0.28 -9.60
C LEU A 1064 -29.14 -1.53 -9.62
N GLU A 1065 -29.72 -1.83 -10.78
CA GLU A 1065 -30.58 -2.99 -10.88
C GLU A 1065 -29.85 -4.26 -10.49
N TYR A 1066 -28.58 -4.36 -10.87
CA TYR A 1066 -27.80 -5.53 -10.49
C TYR A 1066 -27.61 -5.61 -8.98
N PHE A 1067 -27.32 -4.48 -8.34
CA PHE A 1067 -27.10 -4.48 -6.90
C PHE A 1067 -28.36 -4.90 -6.16
N MET A 1068 -29.51 -4.34 -6.56
CA MET A 1068 -30.76 -4.69 -5.89
C MET A 1068 -31.06 -6.19 -6.02
N LYS A 1069 -30.77 -6.78 -7.18
CA LYS A 1069 -31.06 -8.20 -7.34
C LYS A 1069 -30.17 -9.06 -6.45
N GLN A 1070 -28.88 -8.71 -6.35
CA GLN A 1070 -28.02 -9.43 -5.40
C GLN A 1070 -28.59 -9.33 -3.99
N MET A 1071 -29.01 -8.13 -3.59
CA MET A 1071 -29.60 -7.95 -2.26
C MET A 1071 -30.89 -8.72 -2.12
N ASN A 1072 -31.75 -8.66 -3.15
CA ASN A 1072 -33.04 -9.33 -3.07
C ASN A 1072 -32.87 -10.84 -3.02
N ASP A 1073 -31.97 -11.38 -3.85
CA ASP A 1073 -31.67 -12.80 -3.81
C ASP A 1073 -31.15 -13.23 -2.43
N ALA A 1074 -30.21 -12.47 -1.85
CA ALA A 1074 -29.60 -12.88 -0.60
C ALA A 1074 -30.57 -12.85 0.56
N HIS A 1075 -31.50 -11.89 0.56
CA HIS A 1075 -32.43 -11.70 1.67
C HIS A 1075 -33.76 -12.41 1.45
N HIS A 1076 -33.95 -13.04 0.29
CA HIS A 1076 -35.23 -13.65 -0.08
C HIS A 1076 -36.35 -12.61 0.01
N GLY A 1077 -36.20 -11.57 -0.80
CA GLY A 1077 -37.16 -10.48 -0.87
C GLY A 1077 -36.60 -9.18 -0.31
N GLY A 1078 -37.41 -8.14 -0.45
CA GLY A 1078 -37.13 -6.83 0.13
C GLY A 1078 -36.69 -5.76 -0.84
N TRP A 1079 -35.85 -6.14 -1.81
CA TRP A 1079 -35.20 -5.16 -2.67
C TRP A 1079 -35.71 -5.23 -4.12
#